data_9C15
#
_entry.id   9C15
#
_cell.length_a   58.300
_cell.length_b   126.390
_cell.length_c   112.940
_cell.angle_alpha   90.000
_cell.angle_beta   105.110
_cell.angle_gamma   90.000
#
_symmetry.space_group_name_H-M   'P 1 21 1'
#
loop_
_entity.id
_entity.type
_entity.pdbx_description
1 polymer 'Phosphatidylinositol 4,5-bisphosphate 3-kinase catalytic subunit alpha isoform'
2 polymer 'GTPase KRas'
3 non-polymer 2-[3-fluoro-4-({(7P)-7-[2-(2-methoxyethoxy)phenyl]thieno[2,3-d]pyridazin-4-yl}amino)phenyl]acetamide
4 non-polymer 'MAGNESIUM ION'
5 non-polymer 'ISOPROPYL ALCOHOL'
6 non-polymer 'PHOSPHOAMINOPHOSPHONIC ACID-GUANYLATE ESTER'
7 water water
#
loop_
_entity_poly.entity_id
_entity_poly.type
_entity_poly.pdbx_seq_one_letter_code
_entity_poly.pdbx_strand_id
1 'polypeptide(L)'
;GVGNREEKILNREIGFAIGMPVCEFDMVKDPEVQDFRRNILNVCKEAVDLRDLNSPHSRAMYVYPPNVESSPELPKHIYN
KLDKGQIIVVIWVIVSPNNDKQKYTLKINHDCVPEQVIAEAIRKKTRSMLLSSEQLKLCVLEYQGKYILKVCGCDEYFLE
KYPLSQYKYIRSCIMLGRMPNLMLMAKESLYSQLPMDCFTMPSYSRRISTATPYMNGETSTKSLWVINSALRIKILCATY
VNVNIRDIDKIYVRTGIYHGGEPLCDNVNTQRVPCSNPRWNEWLNYDIYIPDLPRAARLCLSICSVKGRKGAKEEHCPLA
WGNINLFDYTDTLVSGKMALNLWPVPHGLEDLLNPIGVTGSNPNKETPCLELEFDWFSSVVKFPDMSVIEEHANWSVSRE
AGFSYSHAGLSNRLARDNELRENDKEQLKAISTRDPLSEITEQEKDFLWSHRHYCVTIPEILPKLLLSVKWNSRDEVAQM
YCLVKDWPPIKPEQAMELLDCNYPDPMVRGFAVRCLEKYLTDDKLSQYLIQLVQVLKYEQYLDNLLVRFLLKKALTNQRI
GHFFFWHLKSEMHNKTVSQRFGLLLESYCRACGMYLKHLNRQVEAMEKLINLTDILKQEKKDETQKVQMKFLVEQMRRPD
FMDALQGFLSPLNPAHQLGNLRLEECRIMSSAKRPLWLNWENPDIMSELLFQNNEIIFKNGDDLRQDMLTLQIIRIMENI
WQNQGLDLRMLPYGCLSIGDCVGLIEVVRNSHTIMQIQCKGGLKGALQFNSHTLHQWLKDKNKGEIYDAAIDLFTRSCAG
YCVATFILGIGDRHNSNIMVKDDGQLFHIDFGHFLDHKKKKFGYKRERVPFVLTQDFLIVISKGAQECTKTREFERFQEM
CYKAYLAIRQHANLFINLFSMMLGSGMPELQSFDDIAYIRKTLALDKTEQEALEYFMKQMNDAHHGGWTTKMDAAAHTIK
QHALN
;
A
2 'polypeptide(L)'
;GMTEYKLVVVGAGGVGKSALTIQLIQNHFVDEYDPTIEDSYRKQVVIDGETCLLDILDTAGQEEYSAMRDQYMRTGEGFL
CVFAINNTKSFEDIHHYREQIKRVKDSEDVPMVLVGNKCDLPSRTVDTKQAQDLARSYGIPFIETSAKTRQGVDDAFYTL
VREIRKHKEK
;
B
#
# COMPACT_ATOMS: atom_id res chain seq x y z
N VAL A 2 15.25 34.91 -7.20
CA VAL A 2 16.30 35.28 -6.26
C VAL A 2 15.68 35.70 -4.94
N GLY A 3 15.28 36.96 -4.86
CA GLY A 3 14.59 37.47 -3.69
C GLY A 3 13.10 37.56 -3.91
N ASN A 4 12.59 36.75 -4.84
CA ASN A 4 11.16 36.72 -5.12
C ASN A 4 10.40 36.33 -3.86
N ARG A 5 9.42 37.16 -3.49
CA ARG A 5 8.69 36.96 -2.24
C ARG A 5 8.06 35.58 -2.18
N GLU A 6 7.48 35.11 -3.29
CA GLU A 6 6.89 33.78 -3.31
C GLU A 6 7.95 32.69 -3.16
N GLU A 7 9.16 32.92 -3.67
CA GLU A 7 10.21 31.92 -3.53
C GLU A 7 10.74 31.87 -2.10
N LYS A 8 10.87 33.02 -1.45
CA LYS A 8 11.27 33.01 -0.04
C LYS A 8 10.26 32.27 0.82
N ILE A 9 8.97 32.42 0.50
CA ILE A 9 7.94 31.70 1.24
C ILE A 9 7.99 30.22 0.90
N LEU A 10 8.16 29.86 -0.37
CA LEU A 10 8.22 28.43 -0.76
C LEU A 10 9.45 27.78 -0.13
N ASN A 11 10.59 28.46 -0.18
CA ASN A 11 11.79 27.88 0.41
C ASN A 11 11.59 27.60 1.89
N ARG A 12 10.86 28.47 2.58
CA ARG A 12 10.59 28.26 4.00
C ARG A 12 9.64 27.09 4.22
N GLU A 13 8.67 26.92 3.32
CA GLU A 13 7.67 25.87 3.50
C GLU A 13 8.26 24.49 3.27
N ILE A 14 9.11 24.34 2.25
CA ILE A 14 9.70 23.03 1.99
C ILE A 14 10.77 22.71 3.03
N GLY A 15 11.37 23.72 3.65
CA GLY A 15 12.31 23.46 4.73
C GLY A 15 11.64 22.89 5.96
N PHE A 16 10.39 23.26 6.20
CA PHE A 16 9.63 22.67 7.31
C PHE A 16 9.24 21.23 7.00
N ALA A 17 9.04 20.90 5.73
CA ALA A 17 8.58 19.56 5.36
C ALA A 17 9.69 18.53 5.39
N ILE A 18 10.93 18.94 5.11
CA ILE A 18 12.05 17.99 5.05
C ILE A 18 12.91 18.00 6.30
N GLY A 19 12.71 18.96 7.20
CA GLY A 19 13.44 18.99 8.46
C GLY A 19 14.73 19.76 8.46
N MET A 20 15.13 20.34 7.32
CA MET A 20 16.36 21.10 7.23
C MET A 20 16.15 22.30 6.31
N PRO A 21 16.71 23.46 6.67
CA PRO A 21 16.56 24.65 5.81
C PRO A 21 17.30 24.47 4.50
N VAL A 22 16.64 24.87 3.41
CA VAL A 22 17.21 24.71 2.07
C VAL A 22 18.40 25.63 1.83
N CYS A 23 18.66 26.59 2.72
CA CYS A 23 19.87 27.39 2.61
C CYS A 23 21.12 26.57 2.85
N GLU A 24 21.00 25.43 3.55
CA GLU A 24 22.14 24.54 3.72
C GLU A 24 22.58 23.92 2.41
N PHE A 25 21.64 23.75 1.46
CA PHE A 25 22.00 23.24 0.14
C PHE A 25 22.79 24.28 -0.66
N ASP A 26 22.51 25.56 -0.45
CA ASP A 26 23.29 26.60 -1.11
C ASP A 26 24.72 26.65 -0.59
N MET A 27 24.93 26.23 0.66
CA MET A 27 26.26 26.25 1.25
C MET A 27 27.16 25.16 0.68
N VAL A 28 26.58 24.09 0.12
CA VAL A 28 27.37 22.98 -0.39
C VAL A 28 28.16 23.43 -1.62
N LYS A 29 29.48 23.29 -1.55
CA LYS A 29 30.36 23.69 -2.64
C LYS A 29 30.60 22.57 -3.64
N ASP A 30 30.05 21.38 -3.40
CA ASP A 30 30.21 20.25 -4.31
C ASP A 30 29.60 20.60 -5.67
N PRO A 31 30.36 20.58 -6.75
CA PRO A 31 29.76 20.86 -8.07
C PRO A 31 28.73 19.84 -8.49
N GLU A 32 28.82 18.60 -8.01
CA GLU A 32 27.81 17.60 -8.35
C GLU A 32 26.49 17.93 -7.67
N VAL A 33 26.54 18.41 -6.44
CA VAL A 33 25.31 18.74 -5.70
C VAL A 33 24.58 19.89 -6.37
N GLN A 34 25.30 20.97 -6.70
CA GLN A 34 24.68 22.11 -7.34
C GLN A 34 24.19 21.77 -8.74
N ASP A 35 24.86 20.84 -9.44
CA ASP A 35 24.38 20.42 -10.75
C ASP A 35 23.09 19.63 -10.65
N PHE A 36 22.91 18.86 -9.57
CA PHE A 36 21.67 18.09 -9.41
C PHE A 36 20.47 19.02 -9.23
N ARG A 37 20.60 20.00 -8.33
CA ARG A 37 19.50 20.93 -8.08
C ARG A 37 19.07 21.63 -9.36
N ARG A 38 20.01 21.93 -10.25
CA ARG A 38 19.70 22.65 -11.48
C ARG A 38 19.19 21.71 -12.57
N ASN A 39 19.87 20.58 -12.77
CA ASN A 39 19.56 19.71 -13.89
C ASN A 39 18.33 18.83 -13.66
N ILE A 40 17.90 18.66 -12.41
CA ILE A 40 16.72 17.84 -12.13
C ILE A 40 15.42 18.60 -12.41
N LEU A 41 15.51 19.90 -12.69
CA LEU A 41 14.30 20.72 -12.76
C LEU A 41 13.47 20.42 -14.00
N ASN A 42 14.09 19.96 -15.10
CA ASN A 42 13.31 19.63 -16.28
C ASN A 42 12.39 18.44 -16.05
N VAL A 43 12.69 17.60 -15.05
CA VAL A 43 11.75 16.55 -14.65
C VAL A 43 10.54 17.17 -13.98
N CYS A 44 10.76 18.23 -13.18
CA CYS A 44 9.65 18.96 -12.59
C CYS A 44 8.80 19.63 -13.67
N LYS A 45 9.45 20.29 -14.63
CA LYS A 45 8.73 20.90 -15.74
C LYS A 45 7.95 19.87 -16.53
N GLU A 46 8.54 18.68 -16.72
CA GLU A 46 7.89 17.64 -17.51
C GLU A 46 6.57 17.20 -16.86
N ALA A 47 6.58 16.99 -15.55
CA ALA A 47 5.39 16.48 -14.88
C ALA A 47 4.31 17.54 -14.73
N VAL A 48 4.71 18.80 -14.52
CA VAL A 48 3.72 19.88 -14.45
C VAL A 48 2.98 20.02 -15.76
N ASP A 49 3.72 19.93 -16.88
CA ASP A 49 3.07 19.99 -18.19
C ASP A 49 2.12 18.82 -18.41
N LEU A 50 2.45 17.65 -17.84
CA LEU A 50 1.54 16.52 -17.95
C LEU A 50 0.27 16.73 -17.15
N ARG A 51 0.36 17.45 -16.03
CA ARG A 51 -0.83 17.71 -15.22
C ARG A 51 -1.77 18.69 -15.91
N ASP A 52 -1.23 19.68 -16.60
CA ASP A 52 -2.02 20.73 -17.23
C ASP A 52 -2.36 20.41 -18.69
N LEU A 53 -2.19 19.17 -19.12
CA LEU A 53 -2.42 18.82 -20.52
C LEU A 53 -3.91 18.86 -20.84
N ASN A 54 -4.70 17.99 -20.21
CA ASN A 54 -6.14 18.00 -20.38
C ASN A 54 -6.81 18.56 -19.13
N SER A 55 -6.48 19.80 -18.78
CA SER A 55 -7.04 20.43 -17.60
C SER A 55 -8.52 20.75 -17.84
N PRO A 56 -9.36 20.64 -16.79
CA PRO A 56 -9.01 20.28 -15.41
C PRO A 56 -9.08 18.79 -15.11
N HIS A 57 -9.44 17.97 -16.09
CA HIS A 57 -9.55 16.53 -15.83
C HIS A 57 -8.19 15.91 -15.52
N SER A 58 -7.14 16.36 -16.19
CA SER A 58 -5.82 15.81 -15.93
C SER A 58 -5.29 16.23 -14.57
N ARG A 59 -5.70 17.41 -14.07
CA ARG A 59 -5.32 17.80 -12.72
C ARG A 59 -6.08 16.99 -11.68
N ALA A 60 -7.35 16.68 -11.96
CA ALA A 60 -8.11 15.82 -11.05
C ALA A 60 -7.55 14.40 -11.03
N MET A 61 -7.02 13.92 -12.15
CA MET A 61 -6.39 12.62 -12.17
C MET A 61 -5.10 12.60 -11.36
N TYR A 62 -4.37 13.71 -11.33
CA TYR A 62 -3.15 13.78 -10.52
C TYR A 62 -3.48 13.77 -9.04
N VAL A 63 -4.47 14.57 -8.63
CA VAL A 63 -4.79 14.68 -7.21
C VAL A 63 -5.54 13.44 -6.72
N TYR A 64 -6.51 12.96 -7.50
CA TYR A 64 -7.33 11.80 -7.12
C TYR A 64 -7.18 10.72 -8.20
N PRO A 65 -6.03 10.04 -8.26
CA PRO A 65 -5.85 9.00 -9.26
C PRO A 65 -6.70 7.78 -8.91
N PRO A 66 -7.15 7.03 -9.91
CA PRO A 66 -8.01 5.87 -9.63
C PRO A 66 -7.28 4.73 -8.95
N ASN A 67 -7.64 4.46 -7.69
CA ASN A 67 -7.14 3.29 -6.98
C ASN A 67 -7.71 2.03 -7.62
N VAL A 68 -6.99 1.45 -8.57
CA VAL A 68 -7.52 0.42 -9.45
C VAL A 68 -6.67 -0.83 -9.34
N GLU A 69 -7.29 -1.98 -9.65
CA GLU A 69 -6.59 -3.25 -9.65
C GLU A 69 -5.75 -3.39 -10.92
N SER A 70 -4.94 -4.45 -10.96
CA SER A 70 -4.00 -4.64 -12.06
C SER A 70 -4.72 -5.11 -13.33
N SER A 71 -5.71 -5.98 -13.19
CA SER A 71 -6.37 -6.57 -14.35
C SER A 71 -7.89 -6.48 -14.21
N PRO A 72 -8.60 -6.17 -15.30
CA PRO A 72 -10.06 -6.18 -15.25
C PRO A 72 -10.65 -7.59 -15.16
N GLU A 73 -9.88 -8.62 -15.50
CA GLU A 73 -10.39 -9.98 -15.47
C GLU A 73 -10.61 -10.43 -14.03
N LEU A 74 -11.81 -10.95 -13.76
CA LEU A 74 -12.14 -11.49 -12.45
C LEU A 74 -11.93 -13.00 -12.45
N PRO A 75 -11.24 -13.55 -11.46
CA PRO A 75 -11.10 -15.01 -11.38
C PRO A 75 -12.44 -15.70 -11.22
N LYS A 76 -12.41 -17.02 -11.35
CA LYS A 76 -13.66 -17.80 -11.34
C LYS A 76 -14.36 -17.70 -10.00
N HIS A 77 -13.62 -17.78 -8.89
CA HIS A 77 -14.23 -17.76 -7.57
C HIS A 77 -14.74 -16.38 -7.18
N ILE A 78 -14.22 -15.32 -7.79
CA ILE A 78 -14.70 -13.97 -7.48
C ILE A 78 -15.93 -13.63 -8.31
N TYR A 79 -15.98 -14.10 -9.55
CA TYR A 79 -17.15 -13.83 -10.40
C TYR A 79 -18.39 -14.51 -9.86
N ASN A 80 -18.23 -15.71 -9.29
CA ASN A 80 -19.38 -16.45 -8.74
C ASN A 80 -19.97 -15.79 -7.51
N LYS A 81 -19.28 -14.81 -6.91
CA LYS A 81 -19.84 -14.08 -5.78
C LYS A 81 -20.90 -13.07 -6.18
N LEU A 82 -21.14 -12.89 -7.47
CA LEU A 82 -22.12 -11.94 -7.97
C LEU A 82 -23.39 -12.66 -8.40
N ASP A 83 -24.51 -11.92 -8.39
CA ASP A 83 -25.81 -12.46 -8.77
C ASP A 83 -25.90 -12.47 -10.29
N LYS A 84 -25.54 -13.61 -10.88
CA LYS A 84 -25.58 -13.81 -12.33
C LYS A 84 -24.78 -12.74 -13.06
N GLY A 85 -23.61 -12.42 -12.53
CA GLY A 85 -22.72 -11.45 -13.13
C GLY A 85 -23.00 -10.00 -12.78
N GLN A 86 -24.06 -9.72 -12.03
CA GLN A 86 -24.44 -8.36 -11.68
C GLN A 86 -24.09 -8.08 -10.21
N ILE A 87 -24.00 -6.80 -9.89
CA ILE A 87 -23.64 -6.33 -8.56
C ILE A 87 -24.62 -5.24 -8.14
N ILE A 88 -25.04 -5.28 -6.87
CA ILE A 88 -25.96 -4.29 -6.33
C ILE A 88 -25.15 -3.16 -5.72
N VAL A 89 -25.43 -1.93 -6.15
CA VAL A 89 -24.68 -0.75 -5.73
C VAL A 89 -25.67 0.31 -5.27
N VAL A 90 -25.38 0.91 -4.12
CA VAL A 90 -26.21 1.99 -3.55
C VAL A 90 -25.60 3.32 -3.97
N ILE A 91 -26.39 4.15 -4.64
CA ILE A 91 -25.96 5.47 -5.08
C ILE A 91 -26.60 6.50 -4.16
N TRP A 92 -25.78 7.41 -3.63
CA TRP A 92 -26.23 8.45 -2.71
C TRP A 92 -26.06 9.82 -3.34
N VAL A 93 -26.82 10.78 -2.81
CA VAL A 93 -26.74 12.17 -3.25
C VAL A 93 -27.14 13.06 -2.08
N ILE A 94 -26.50 14.22 -1.98
CA ILE A 94 -26.77 15.18 -0.91
C ILE A 94 -27.82 16.16 -1.39
N VAL A 95 -28.79 16.46 -0.54
CA VAL A 95 -29.91 17.33 -0.98
C VAL A 95 -30.03 18.57 -0.09
N SER A 96 -30.05 18.43 1.24
CA SER A 96 -30.25 19.61 2.08
C SER A 96 -28.93 20.34 2.30
N PRO A 97 -28.97 21.65 2.56
CA PRO A 97 -27.75 22.37 2.94
C PRO A 97 -27.15 21.90 4.26
N ASN A 98 -27.89 21.13 5.06
CA ASN A 98 -27.37 20.54 6.29
C ASN A 98 -26.87 19.11 6.09
N ASN A 99 -26.59 18.73 4.84
CA ASN A 99 -25.97 17.44 4.51
C ASN A 99 -26.91 16.27 4.81
N ASP A 100 -28.14 16.36 4.31
CA ASP A 100 -29.06 15.23 4.32
C ASP A 100 -28.95 14.48 3.00
N LYS A 101 -29.23 13.17 3.06
CA LYS A 101 -28.93 12.27 1.96
C LYS A 101 -30.13 11.43 1.59
N GLN A 102 -30.23 11.15 0.28
CA GLN A 102 -31.27 10.24 -0.26
C GLN A 102 -30.50 9.22 -1.09
N LYS A 103 -31.05 8.03 -1.35
CA LYS A 103 -30.31 6.96 -1.98
C LYS A 103 -31.10 6.30 -3.10
N TYR A 104 -30.36 5.73 -4.05
CA TYR A 104 -30.85 4.82 -5.07
C TYR A 104 -30.01 3.56 -5.03
N THR A 105 -30.64 2.39 -5.04
CA THR A 105 -29.95 1.11 -5.13
C THR A 105 -30.18 0.53 -6.51
N LEU A 106 -29.09 0.12 -7.16
CA LEU A 106 -29.13 -0.34 -8.54
C LEU A 106 -28.52 -1.72 -8.65
N LYS A 107 -29.00 -2.51 -9.60
CA LYS A 107 -28.48 -3.83 -9.92
C LYS A 107 -27.87 -3.73 -11.32
N ILE A 108 -26.55 -3.66 -11.39
CA ILE A 108 -25.84 -3.38 -12.63
C ILE A 108 -24.79 -4.46 -12.87
N ASN A 109 -24.39 -4.58 -14.14
CA ASN A 109 -23.24 -5.42 -14.48
C ASN A 109 -21.98 -4.84 -13.86
N HIS A 110 -21.06 -5.73 -13.45
CA HIS A 110 -19.81 -5.27 -12.87
C HIS A 110 -18.87 -4.65 -13.90
N ASP A 111 -19.13 -4.86 -15.19
CA ASP A 111 -18.29 -4.31 -16.24
C ASP A 111 -18.54 -2.82 -16.50
N CYS A 112 -19.67 -2.30 -16.04
CA CYS A 112 -20.07 -0.93 -16.40
C CYS A 112 -19.06 0.09 -15.90
N VAL A 113 -18.68 1.02 -16.78
CA VAL A 113 -17.81 2.12 -16.42
C VAL A 113 -18.60 3.08 -15.55
N PRO A 114 -17.95 3.99 -14.80
CA PRO A 114 -18.72 4.91 -13.94
C PRO A 114 -19.75 5.74 -14.68
N GLU A 115 -19.49 6.11 -15.94
CA GLU A 115 -20.46 6.92 -16.68
C GLU A 115 -21.73 6.13 -16.98
N GLN A 116 -21.62 4.82 -17.15
CA GLN A 116 -22.79 3.99 -17.40
C GLN A 116 -23.58 3.73 -16.12
N VAL A 117 -22.89 3.67 -14.98
CA VAL A 117 -23.60 3.58 -13.70
C VAL A 117 -24.43 4.83 -13.47
N ILE A 118 -23.86 6.00 -13.79
CA ILE A 118 -24.62 7.24 -13.70
C ILE A 118 -25.79 7.21 -14.68
N ALA A 119 -25.58 6.65 -15.87
CA ALA A 119 -26.64 6.57 -16.87
C ALA A 119 -27.83 5.77 -16.36
N GLU A 120 -27.59 4.79 -15.48
CA GLU A 120 -28.69 4.05 -14.89
C GLU A 120 -29.44 4.89 -13.86
N ALA A 121 -28.71 5.68 -13.08
CA ALA A 121 -29.35 6.56 -12.10
C ALA A 121 -30.14 7.66 -12.78
N ILE A 122 -29.61 8.22 -13.87
CA ILE A 122 -30.36 9.21 -14.64
C ILE A 122 -31.62 8.58 -15.22
N ARG A 123 -31.50 7.36 -15.73
CA ARG A 123 -32.67 6.66 -16.27
C ARG A 123 -33.69 6.38 -15.18
N LYS A 124 -33.23 6.05 -13.97
CA LYS A 124 -34.16 5.75 -12.88
C LYS A 124 -34.84 7.01 -12.38
N LYS A 125 -34.10 8.12 -12.30
CA LYS A 125 -34.70 9.37 -11.83
C LYS A 125 -35.71 9.92 -12.82
N THR A 126 -35.40 9.85 -14.13
CA THR A 126 -36.30 10.40 -15.12
C THR A 126 -37.58 9.59 -15.25
N ARG A 127 -37.52 8.28 -15.00
CA ARG A 127 -38.72 7.46 -15.07
C ARG A 127 -39.70 7.78 -13.94
N SER A 128 -39.23 8.37 -12.84
CA SER A 128 -40.12 8.77 -11.77
C SER A 128 -40.88 10.05 -12.10
N MET A 129 -40.21 11.02 -12.69
CA MET A 129 -40.88 12.20 -13.22
C MET A 129 -41.43 11.88 -14.62
N LEU A 130 -42.06 12.86 -15.25
CA LEU A 130 -42.58 12.65 -16.59
C LEU A 130 -42.49 13.93 -17.40
N LEU A 131 -42.09 13.77 -18.67
CA LEU A 131 -42.04 14.83 -19.66
C LEU A 131 -41.82 14.17 -21.01
N SER A 132 -42.34 14.80 -22.06
CA SER A 132 -42.23 14.28 -23.42
C SER A 132 -41.44 15.27 -24.25
N SER A 133 -40.36 14.78 -24.88
CA SER A 133 -39.47 15.59 -25.71
C SER A 133 -38.76 16.68 -24.90
N GLU A 134 -39.05 16.73 -23.60
CA GLU A 134 -38.28 17.56 -22.67
C GLU A 134 -37.47 16.73 -21.69
N GLN A 135 -37.81 15.45 -21.51
CA GLN A 135 -36.99 14.56 -20.70
C GLN A 135 -35.73 14.15 -21.45
N LEU A 136 -35.90 13.61 -22.66
CA LEU A 136 -34.75 13.19 -23.45
C LEU A 136 -33.92 14.37 -23.93
N LYS A 137 -34.57 15.50 -24.20
CA LYS A 137 -33.85 16.65 -24.75
C LYS A 137 -33.05 17.38 -23.68
N LEU A 138 -33.69 17.77 -22.58
CA LEU A 138 -33.06 18.59 -21.57
C LEU A 138 -32.48 17.78 -20.40
N CYS A 139 -33.30 16.93 -19.77
CA CYS A 139 -32.86 16.23 -18.57
C CYS A 139 -31.68 15.30 -18.86
N VAL A 140 -31.79 14.49 -19.91
CA VAL A 140 -30.74 13.52 -20.18
C VAL A 140 -29.46 14.20 -20.65
N LEU A 141 -29.58 15.28 -21.42
CA LEU A 141 -28.40 15.94 -21.97
C LEU A 141 -27.63 16.70 -20.90
N GLU A 142 -28.33 17.49 -20.09
CA GLU A 142 -27.64 18.34 -19.13
C GLU A 142 -27.24 17.61 -17.85
N TYR A 143 -27.79 16.42 -17.59
CA TYR A 143 -27.39 15.62 -16.44
C TYR A 143 -26.28 14.62 -16.76
N GLN A 144 -25.87 14.66 -18.02
CA GLN A 144 -24.78 13.77 -18.49
C GLN A 144 -23.53 14.64 -18.61
N GLY A 145 -22.40 14.12 -18.14
CA GLY A 145 -21.14 14.87 -18.21
C GLY A 145 -21.07 15.91 -17.12
N LYS A 146 -22.03 15.90 -16.20
CA LYS A 146 -21.99 16.83 -15.10
C LYS A 146 -21.64 16.21 -13.75
N TYR A 147 -21.71 14.89 -13.60
CA TYR A 147 -21.53 14.25 -12.31
C TYR A 147 -20.45 13.18 -12.38
N ILE A 148 -19.97 12.80 -11.19
CA ILE A 148 -18.99 11.73 -11.04
C ILE A 148 -19.35 10.92 -9.80
N LEU A 149 -18.76 9.73 -9.71
CA LEU A 149 -18.98 8.84 -8.57
C LEU A 149 -17.85 8.99 -7.57
N LYS A 150 -18.20 8.90 -6.28
CA LYS A 150 -17.26 9.07 -5.19
C LYS A 150 -17.57 8.07 -4.09
N VAL A 151 -16.53 7.46 -3.53
CA VAL A 151 -16.72 6.52 -2.43
C VAL A 151 -17.21 7.27 -1.20
N CYS A 152 -18.24 6.74 -0.56
CA CYS A 152 -18.81 7.34 0.65
C CYS A 152 -17.88 7.07 1.82
N GLY A 153 -17.27 8.12 2.36
CA GLY A 153 -16.45 8.02 3.56
C GLY A 153 -15.02 8.49 3.39
N CYS A 154 -14.49 8.49 2.18
CA CYS A 154 -13.10 8.88 1.94
C CYS A 154 -13.02 9.70 0.66
N ASP A 155 -11.80 10.12 0.32
CA ASP A 155 -11.60 11.01 -0.87
C ASP A 155 -11.15 10.19 -2.10
N GLU A 156 -11.85 9.10 -2.41
CA GLU A 156 -11.59 8.28 -3.58
C GLU A 156 -12.67 8.54 -4.63
N TYR A 157 -12.23 8.86 -5.85
CA TYR A 157 -13.13 9.19 -6.94
C TYR A 157 -12.93 8.25 -8.11
N PHE A 158 -14.00 8.02 -8.86
CA PHE A 158 -13.95 7.16 -10.04
C PHE A 158 -13.86 8.03 -11.30
N LEU A 159 -12.71 8.67 -11.45
CA LEU A 159 -12.52 9.68 -12.48
C LEU A 159 -12.10 9.11 -13.83
N GLU A 160 -11.92 7.80 -13.95
CA GLU A 160 -11.49 7.20 -15.20
C GLU A 160 -12.42 6.06 -15.58
N LYS A 161 -12.54 5.82 -16.90
CA LYS A 161 -13.49 4.87 -17.43
C LYS A 161 -13.01 3.42 -17.28
N TYR A 162 -12.55 3.05 -16.10
CA TYR A 162 -12.27 1.66 -15.79
C TYR A 162 -13.58 0.91 -15.56
N PRO A 163 -13.58 -0.40 -15.73
CA PRO A 163 -14.72 -1.20 -15.26
C PRO A 163 -14.89 -1.02 -13.76
N LEU A 164 -16.15 -0.97 -13.32
CA LEU A 164 -16.45 -0.64 -11.93
C LEU A 164 -15.81 -1.63 -10.97
N SER A 165 -15.80 -2.92 -11.34
CA SER A 165 -15.23 -3.94 -10.47
C SER A 165 -13.71 -3.89 -10.41
N GLN A 166 -13.06 -3.14 -11.30
CA GLN A 166 -11.60 -3.03 -11.27
C GLN A 166 -11.13 -2.04 -10.20
N TYR A 167 -11.99 -1.13 -9.76
CA TYR A 167 -11.66 -0.28 -8.63
C TYR A 167 -11.54 -1.11 -7.37
N LYS A 168 -10.51 -0.83 -6.57
CA LYS A 168 -10.21 -1.68 -5.41
C LYS A 168 -11.32 -1.64 -4.36
N TYR A 169 -12.05 -0.53 -4.26
CA TYR A 169 -13.15 -0.47 -3.30
C TYR A 169 -14.28 -1.41 -3.70
N ILE A 170 -14.62 -1.45 -4.99
CA ILE A 170 -15.69 -2.33 -5.45
C ILE A 170 -15.23 -3.78 -5.40
N ARG A 171 -13.96 -4.03 -5.71
CA ARG A 171 -13.44 -5.39 -5.68
C ARG A 171 -13.46 -5.95 -4.27
N SER A 172 -13.22 -5.11 -3.26
CA SER A 172 -13.25 -5.57 -1.88
C SER A 172 -14.67 -5.84 -1.40
N CYS A 173 -15.64 -5.05 -1.87
CA CYS A 173 -17.03 -5.30 -1.51
C CYS A 173 -17.53 -6.62 -2.07
N ILE A 174 -17.03 -7.01 -3.24
CA ILE A 174 -17.45 -8.29 -3.83
C ILE A 174 -16.88 -9.45 -3.05
N MET A 175 -15.63 -9.34 -2.59
CA MET A 175 -14.98 -10.43 -1.87
C MET A 175 -15.41 -10.51 -0.41
N LEU A 176 -16.01 -9.45 0.13
CA LEU A 176 -16.44 -9.45 1.52
C LEU A 176 -17.95 -9.55 1.69
N GLY A 177 -18.72 -9.49 0.61
CA GLY A 177 -20.16 -9.49 0.71
C GLY A 177 -20.79 -8.16 1.07
N ARG A 178 -19.98 -7.13 1.33
CA ARG A 178 -20.50 -5.80 1.61
C ARG A 178 -21.19 -5.23 0.36
N MET A 179 -21.95 -4.18 0.58
CA MET A 179 -22.62 -3.49 -0.52
C MET A 179 -21.95 -2.15 -0.77
N PRO A 180 -21.57 -1.84 -2.01
CA PRO A 180 -20.89 -0.57 -2.27
C PRO A 180 -21.83 0.61 -2.05
N ASN A 181 -21.29 1.66 -1.42
CA ASN A 181 -22.00 2.91 -1.21
C ASN A 181 -21.24 4.02 -1.91
N LEU A 182 -21.81 4.53 -3.00
CA LEU A 182 -21.17 5.56 -3.80
C LEU A 182 -21.99 6.84 -3.75
N MET A 183 -21.30 7.98 -3.85
CA MET A 183 -21.93 9.29 -3.79
C MET A 183 -21.79 10.00 -5.12
N LEU A 184 -22.86 10.64 -5.57
CA LEU A 184 -22.84 11.44 -6.78
C LEU A 184 -22.57 12.89 -6.42
N MET A 185 -21.63 13.51 -7.14
CA MET A 185 -21.34 14.93 -6.98
C MET A 185 -20.96 15.52 -8.33
N ALA A 186 -21.16 16.83 -8.44
CA ALA A 186 -20.92 17.51 -9.71
C ALA A 186 -19.43 17.60 -10.01
N LYS A 187 -19.09 17.51 -11.29
CA LYS A 187 -17.70 17.67 -11.71
C LYS A 187 -17.18 19.06 -11.35
N GLU A 188 -17.98 20.09 -11.63
CA GLU A 188 -17.56 21.45 -11.33
C GLU A 188 -17.46 21.70 -9.83
N SER A 189 -18.13 20.89 -9.00
CA SER A 189 -17.93 20.97 -7.56
C SER A 189 -16.57 20.46 -7.17
N LEU A 190 -16.05 19.45 -7.88
CA LEU A 190 -14.71 18.94 -7.60
C LEU A 190 -13.63 19.81 -8.25
N TYR A 191 -13.88 20.30 -9.46
CA TYR A 191 -12.90 21.13 -10.14
C TYR A 191 -12.70 22.46 -9.42
N SER A 192 -13.73 22.96 -8.73
CA SER A 192 -13.59 24.20 -7.98
C SER A 192 -12.69 24.02 -6.78
N GLN A 193 -12.62 22.82 -6.22
CA GLN A 193 -11.79 22.54 -5.06
C GLN A 193 -10.37 22.16 -5.42
N LEU A 194 -10.07 21.98 -6.71
CA LEU A 194 -8.71 21.65 -7.12
C LEU A 194 -7.81 22.87 -6.97
N PRO A 195 -6.56 22.68 -6.54
CA PRO A 195 -5.65 23.83 -6.41
C PRO A 195 -5.20 24.39 -7.75
N MET A 196 -4.46 25.49 -7.73
CA MET A 196 -3.92 26.10 -8.93
C MET A 196 -2.41 25.87 -9.00
N ASP A 197 -1.93 25.52 -10.19
CA ASP A 197 -0.50 25.31 -10.39
C ASP A 197 0.21 26.64 -10.53
N CYS A 198 1.38 26.75 -9.88
CA CYS A 198 2.17 27.97 -9.90
C CYS A 198 3.66 27.66 -9.93
N PHE A 199 4.05 26.53 -10.51
CA PHE A 199 5.45 26.12 -10.51
C PHE A 199 6.26 27.05 -11.42
N THR A 200 7.26 27.70 -10.83
CA THR A 200 8.24 28.48 -11.58
C THR A 200 9.63 28.01 -11.22
N MET A 201 10.55 28.13 -12.18
CA MET A 201 11.91 27.68 -11.93
C MET A 201 12.52 28.49 -10.79
N PRO A 202 13.21 27.84 -9.86
CA PRO A 202 13.84 28.57 -8.75
C PRO A 202 15.01 29.41 -9.26
N SER A 203 15.57 30.21 -8.34
CA SER A 203 16.64 31.13 -8.70
C SER A 203 17.91 30.40 -9.09
N TYR A 204 18.20 29.25 -8.46
CA TYR A 204 19.45 28.56 -8.76
C TYR A 204 19.42 27.86 -10.12
N SER A 205 18.32 27.93 -10.86
CA SER A 205 18.30 27.43 -12.23
C SER A 205 19.05 28.34 -13.19
N ARG A 206 19.35 29.57 -12.79
CA ARG A 206 20.08 30.51 -13.63
C ARG A 206 21.46 30.81 -13.04
N THR A 221 40.76 15.17 -21.62
CA THR A 221 41.70 15.44 -22.71
C THR A 221 42.67 14.27 -22.89
N LYS A 222 42.38 13.16 -22.22
CA LYS A 222 43.20 11.96 -22.32
C LYS A 222 42.34 10.75 -21.97
N SER A 223 42.25 9.79 -22.88
CA SER A 223 41.38 8.64 -22.68
C SER A 223 41.93 7.71 -21.59
N LEU A 224 41.02 6.95 -20.98
CA LEU A 224 41.42 6.02 -19.92
C LEU A 224 42.17 4.82 -20.49
N TRP A 225 41.79 4.36 -21.68
CA TRP A 225 42.39 3.17 -22.28
C TRP A 225 43.75 3.42 -22.92
N VAL A 226 44.31 4.61 -22.75
CA VAL A 226 45.65 4.93 -23.24
C VAL A 226 46.63 5.14 -22.09
N ILE A 227 46.35 4.56 -20.93
CA ILE A 227 47.17 4.74 -19.73
C ILE A 227 47.91 3.43 -19.50
N ASN A 228 49.19 3.40 -19.85
CA ASN A 228 50.03 2.22 -19.63
C ASN A 228 50.59 2.30 -18.21
N SER A 229 49.79 1.81 -17.26
CA SER A 229 50.16 1.86 -15.85
C SER A 229 49.22 0.95 -15.07
N ALA A 230 49.68 0.58 -13.88
CA ALA A 230 48.87 -0.18 -12.93
C ALA A 230 48.34 0.75 -11.85
N LEU A 231 47.24 0.34 -11.23
CA LEU A 231 46.59 1.19 -10.24
C LEU A 231 47.36 1.17 -8.93
N ARG A 232 47.71 2.36 -8.43
CA ARG A 232 48.36 2.52 -7.15
C ARG A 232 47.77 3.74 -6.44
N ILE A 233 47.59 3.62 -5.12
CA ILE A 233 46.97 4.66 -4.32
C ILE A 233 47.81 4.87 -3.06
N LYS A 234 48.08 6.13 -2.73
CA LYS A 234 48.82 6.48 -1.53
C LYS A 234 47.87 6.65 -0.35
N ILE A 235 48.42 6.50 0.86
CA ILE A 235 47.63 6.73 2.12
C ILE A 235 48.55 7.60 2.96
N LEU A 236 48.46 8.93 2.83
CA LEU A 236 49.44 9.82 3.50
C LEU A 236 49.38 9.76 5.02
N CYS A 237 48.20 9.93 5.61
CA CYS A 237 48.12 10.01 7.09
C CYS A 237 46.66 10.14 7.50
N ALA A 238 46.42 10.14 8.79
CA ALA A 238 45.05 10.22 9.28
C ALA A 238 45.02 11.11 10.52
N THR A 239 43.82 11.61 10.85
CA THR A 239 43.61 12.47 12.00
C THR A 239 42.38 12.00 12.75
N TYR A 240 42.17 12.60 13.93
CA TYR A 240 40.99 12.39 14.76
C TYR A 240 40.77 10.91 15.07
N VAL A 241 41.68 10.36 15.88
CA VAL A 241 41.60 8.98 16.34
C VAL A 241 41.83 8.97 17.84
N ASN A 242 40.91 8.34 18.57
CA ASN A 242 40.99 8.22 20.02
C ASN A 242 41.32 6.79 20.40
N VAL A 243 42.36 6.63 21.22
CA VAL A 243 42.85 5.31 21.60
C VAL A 243 42.03 4.77 22.77
N ASN A 244 41.86 3.45 22.81
CA ASN A 244 41.18 2.79 23.92
C ASN A 244 42.02 1.63 24.45
N ASP A 249 46.32 -0.70 20.42
CA ASP A 249 47.74 -1.01 20.27
C ASP A 249 48.29 -0.47 18.96
N LYS A 250 47.81 -1.00 17.84
CA LYS A 250 48.25 -0.57 16.52
C LYS A 250 47.05 -0.48 15.59
N ILE A 251 47.16 0.37 14.58
CA ILE A 251 46.10 0.58 13.60
C ILE A 251 46.67 0.47 12.19
N TYR A 252 45.81 0.06 11.26
CA TYR A 252 46.16 0.02 9.85
C TYR A 252 44.89 0.29 9.05
N VAL A 253 45.09 0.67 7.78
CA VAL A 253 43.98 0.95 6.88
C VAL A 253 43.91 -0.17 5.85
N ARG A 254 42.72 -0.75 5.70
CA ARG A 254 42.48 -1.81 4.73
C ARG A 254 41.73 -1.22 3.54
N THR A 255 42.23 -1.48 2.34
CA THR A 255 41.65 -0.94 1.12
C THR A 255 41.27 -2.08 0.17
N GLY A 256 40.55 -1.72 -0.88
CA GLY A 256 40.12 -2.69 -1.87
C GLY A 256 39.27 -2.08 -2.97
N ILE A 257 39.60 -2.41 -4.22
CA ILE A 257 38.83 -1.90 -5.36
C ILE A 257 37.63 -2.81 -5.58
N TYR A 258 36.45 -2.21 -5.66
CA TYR A 258 35.20 -2.95 -5.72
C TYR A 258 34.35 -2.49 -6.90
N HIS A 259 33.64 -3.45 -7.48
CA HIS A 259 32.61 -3.20 -8.51
C HIS A 259 31.30 -3.67 -7.89
N GLY A 260 30.62 -2.77 -7.20
CA GLY A 260 29.44 -3.14 -6.44
C GLY A 260 29.81 -3.83 -5.15
N GLY A 261 29.36 -5.06 -4.98
CA GLY A 261 29.73 -5.87 -3.83
C GLY A 261 30.84 -6.86 -4.08
N GLU A 262 31.29 -6.89 -5.33
CA GLU A 262 32.32 -7.88 -5.75
C GLU A 262 33.68 -7.19 -5.82
N PRO A 263 34.79 -7.78 -5.32
CA PRO A 263 36.10 -7.13 -5.47
C PRO A 263 36.71 -7.44 -6.83
N LEU A 264 37.32 -6.41 -7.42
CA LEU A 264 37.96 -6.55 -8.72
C LEU A 264 39.36 -7.12 -8.64
N CYS A 265 39.93 -7.22 -7.45
CA CYS A 265 41.27 -7.76 -7.22
C CYS A 265 41.40 -8.06 -5.73
N ASP A 266 42.60 -8.44 -5.31
CA ASP A 266 42.84 -8.73 -3.91
C ASP A 266 42.94 -7.43 -3.10
N ASN A 267 42.40 -7.47 -1.88
CA ASN A 267 42.51 -6.33 -0.99
C ASN A 267 43.94 -6.22 -0.48
N VAL A 268 44.40 -4.97 -0.30
CA VAL A 268 45.72 -4.72 0.23
C VAL A 268 45.59 -3.82 1.45
N ASN A 269 46.48 -4.04 2.42
CA ASN A 269 46.54 -3.23 3.63
C ASN A 269 47.83 -2.41 3.61
N THR A 270 48.05 -1.67 4.69
CA THR A 270 49.28 -0.92 4.89
C THR A 270 50.05 -1.50 6.06
N GLN A 271 51.30 -1.06 6.20
CA GLN A 271 52.12 -1.46 7.33
C GLN A 271 51.49 -0.94 8.62
N ARG A 272 51.53 -1.78 9.66
CA ARG A 272 50.92 -1.40 10.93
C ARG A 272 51.68 -0.22 11.55
N VAL A 273 50.94 0.78 11.99
CA VAL A 273 51.50 1.97 12.60
C VAL A 273 50.83 2.16 13.95
N PRO A 274 51.58 2.47 15.02
CA PRO A 274 50.94 2.71 16.32
C PRO A 274 49.95 3.86 16.25
N CYS A 275 48.80 3.68 16.90
CA CYS A 275 47.72 4.65 16.87
C CYS A 275 48.07 5.96 17.58
N SER A 276 49.24 6.06 18.21
CA SER A 276 49.63 7.29 18.88
C SER A 276 49.80 8.43 17.87
N ASN A 277 50.53 8.18 16.80
CA ASN A 277 50.73 9.16 15.72
C ASN A 277 50.79 8.40 14.40
N PRO A 278 49.70 8.41 13.62
CA PRO A 278 49.66 7.56 12.42
C PRO A 278 50.14 8.24 11.15
N ARG A 279 51.23 7.73 10.58
CA ARG A 279 51.74 8.16 9.28
C ARG A 279 52.09 6.93 8.48
N TRP A 280 51.59 6.84 7.24
CA TRP A 280 51.90 5.68 6.35
C TRP A 280 52.75 6.14 5.17
N ASN A 281 52.21 7.01 4.29
CA ASN A 281 52.98 7.56 3.18
C ASN A 281 53.53 6.46 2.27
N GLU A 282 52.73 5.42 2.07
CA GLU A 282 53.14 4.29 1.24
C GLU A 282 52.14 4.08 0.11
N TRP A 283 52.65 3.64 -1.04
CA TRP A 283 51.84 3.38 -2.22
C TRP A 283 51.34 1.95 -2.21
N LEU A 284 50.03 1.77 -2.33
CA LEU A 284 49.40 0.45 -2.38
C LEU A 284 49.14 0.09 -3.84
N ASN A 285 49.72 -1.01 -4.29
CA ASN A 285 49.57 -1.47 -5.66
C ASN A 285 48.46 -2.51 -5.75
N TYR A 286 47.66 -2.43 -6.82
CA TYR A 286 46.50 -3.30 -7.00
C TYR A 286 46.66 -4.10 -8.28
N ASP A 287 46.22 -5.36 -8.24
CA ASP A 287 46.33 -6.28 -9.38
C ASP A 287 45.20 -5.98 -10.38
N ILE A 288 45.32 -4.83 -11.04
CA ILE A 288 44.35 -4.44 -12.05
C ILE A 288 45.00 -3.37 -12.93
N TYR A 289 44.83 -3.51 -14.24
CA TYR A 289 45.29 -2.49 -15.17
C TYR A 289 44.31 -1.33 -15.21
N ILE A 290 44.84 -0.12 -15.32
CA ILE A 290 43.98 1.07 -15.33
C ILE A 290 43.01 1.07 -16.51
N PRO A 291 43.40 0.68 -17.73
CA PRO A 291 42.39 0.54 -18.80
C PRO A 291 41.32 -0.50 -18.51
N ASP A 292 41.52 -1.37 -17.52
CA ASP A 292 40.55 -2.41 -17.19
C ASP A 292 39.58 -2.00 -16.10
N LEU A 293 39.65 -0.77 -15.61
CA LEU A 293 38.74 -0.32 -14.57
C LEU A 293 37.34 -0.12 -15.14
N PRO A 294 36.32 -0.80 -14.61
CA PRO A 294 34.95 -0.56 -15.09
C PRO A 294 34.45 0.80 -14.64
N ARG A 295 33.32 1.21 -15.24
CA ARG A 295 32.79 2.53 -14.98
C ARG A 295 32.40 2.72 -13.52
N ALA A 296 31.74 1.72 -12.94
CA ALA A 296 31.28 1.80 -11.56
C ALA A 296 32.33 1.31 -10.55
N ALA A 297 33.62 1.36 -10.92
CA ALA A 297 34.67 0.95 -10.00
C ALA A 297 34.78 1.93 -8.83
N ARG A 298 34.89 1.38 -7.63
CA ARG A 298 34.95 2.18 -6.41
C ARG A 298 36.09 1.72 -5.52
N LEU A 299 36.62 2.66 -4.73
CA LEU A 299 37.62 2.38 -3.73
C LEU A 299 36.95 2.30 -2.37
N CYS A 300 37.02 1.12 -1.75
CA CYS A 300 36.46 0.89 -0.42
C CYS A 300 37.60 0.74 0.57
N LEU A 301 37.64 1.60 1.58
CA LEU A 301 38.70 1.57 2.58
C LEU A 301 38.10 1.76 3.97
N SER A 302 38.93 1.50 4.97
CA SER A 302 38.53 1.63 6.36
C SER A 302 39.78 1.70 7.22
N ILE A 303 39.58 1.94 8.52
CA ILE A 303 40.66 1.96 9.50
C ILE A 303 40.38 0.86 10.52
N CYS A 304 41.34 -0.05 10.66
CA CYS A 304 41.19 -1.20 11.56
C CYS A 304 42.21 -1.12 12.68
N SER A 305 41.84 -1.68 13.83
CA SER A 305 42.72 -1.78 14.98
C SER A 305 43.03 -3.24 15.27
N VAL A 306 44.20 -3.48 15.85
CA VAL A 306 44.65 -4.82 16.22
C VAL A 306 44.90 -4.82 17.72
N LYS A 307 44.08 -5.56 18.47
CA LYS A 307 44.11 -5.55 19.93
C LYS A 307 44.26 -6.99 20.43
N GLY A 308 45.48 -7.53 20.32
CA GLY A 308 45.74 -8.90 20.79
C GLY A 308 47.23 -9.18 20.91
N ARG A 309 47.73 -9.36 22.14
CA ARG A 309 49.15 -9.59 22.35
C ARG A 309 49.36 -10.26 23.70
N LYS A 310 50.46 -10.98 23.81
CA LYS A 310 50.93 -11.59 25.07
C LYS A 310 49.88 -12.54 25.65
N GLY A 311 49.54 -13.56 24.87
CA GLY A 311 48.72 -14.65 25.34
C GLY A 311 47.33 -14.73 24.73
N ALA A 312 46.88 -13.70 24.01
CA ALA A 312 45.56 -13.68 23.42
C ALA A 312 45.66 -13.56 21.91
N LYS A 313 44.77 -14.25 21.20
CA LYS A 313 44.72 -14.14 19.75
C LYS A 313 44.37 -12.71 19.35
N GLU A 314 45.09 -12.18 18.37
CA GLU A 314 44.88 -10.80 17.96
C GLU A 314 43.54 -10.65 17.24
N GLU A 315 42.87 -9.53 17.49
CA GLU A 315 41.51 -9.30 17.04
C GLU A 315 41.49 -8.06 16.14
N HIS A 316 40.81 -8.18 15.00
CA HIS A 316 40.72 -7.10 14.02
C HIS A 316 39.30 -6.53 14.04
N CYS A 317 39.19 -5.24 14.35
CA CYS A 317 37.91 -4.55 14.37
C CYS A 317 38.02 -3.24 13.59
N PRO A 318 37.02 -2.94 12.75
CA PRO A 318 37.06 -1.68 11.99
C PRO A 318 36.60 -0.51 12.84
N LEU A 319 37.36 0.59 12.78
CA LEU A 319 37.01 1.81 13.49
C LEU A 319 36.04 2.66 12.69
N ALA A 320 36.43 3.01 11.47
CA ALA A 320 35.59 3.83 10.59
C ALA A 320 35.87 3.44 9.15
N TRP A 321 34.93 3.76 8.27
CA TRP A 321 35.00 3.34 6.88
C TRP A 321 34.61 4.51 5.97
N GLY A 322 34.88 4.33 4.67
CA GLY A 322 34.55 5.33 3.69
C GLY A 322 34.88 4.91 2.27
N ASN A 323 33.90 4.98 1.37
CA ASN A 323 34.08 4.57 -0.02
C ASN A 323 34.21 5.79 -0.91
N ILE A 324 34.87 5.59 -2.07
CA ILE A 324 35.15 6.65 -3.01
C ILE A 324 34.91 6.12 -4.43
N ASN A 325 34.18 6.89 -5.23
CA ASN A 325 34.04 6.58 -6.64
C ASN A 325 35.35 6.90 -7.37
N LEU A 326 35.81 5.97 -8.20
CA LEU A 326 37.05 6.21 -8.95
C LEU A 326 36.83 7.21 -10.09
N PHE A 327 35.62 7.27 -10.63
CA PHE A 327 35.23 8.31 -11.57
C PHE A 327 34.15 9.17 -10.94
N ASP A 328 34.16 10.45 -11.28
CA ASP A 328 33.13 11.36 -10.79
C ASP A 328 31.94 11.35 -11.75
N TYR A 329 30.96 12.22 -11.47
CA TYR A 329 29.75 12.27 -12.29
C TYR A 329 30.01 12.80 -13.69
N THR A 330 31.18 13.40 -13.93
CA THR A 330 31.56 13.88 -15.25
C THR A 330 32.48 12.90 -15.98
N ASP A 331 32.50 11.63 -15.54
CA ASP A 331 33.29 10.58 -16.17
C ASP A 331 34.79 10.87 -16.11
N THR A 332 35.24 11.58 -15.09
CA THR A 332 36.64 11.92 -14.92
C THR A 332 37.27 11.00 -13.87
N LEU A 333 38.40 10.39 -14.22
CA LEU A 333 39.13 9.57 -13.25
C LEU A 333 39.78 10.48 -12.21
N VAL A 334 39.52 10.19 -10.93
CA VAL A 334 40.01 11.05 -9.86
C VAL A 334 41.53 10.95 -9.76
N SER A 335 42.17 12.10 -9.59
CA SER A 335 43.63 12.17 -9.52
C SER A 335 44.04 13.21 -8.48
N GLY A 336 45.28 13.09 -8.04
CA GLY A 336 45.83 14.04 -7.09
C GLY A 336 45.46 13.72 -5.66
N LYS A 337 45.85 14.64 -4.77
CA LYS A 337 45.57 14.48 -3.35
C LYS A 337 44.08 14.61 -3.08
N MET A 338 43.66 14.02 -1.96
CA MET A 338 42.25 13.99 -1.59
C MET A 338 42.14 13.59 -0.13
N ALA A 339 41.20 14.20 0.58
CA ALA A 339 40.90 13.86 1.96
C ALA A 339 39.41 13.57 2.10
N LEU A 340 39.07 12.69 3.03
CA LEU A 340 37.68 12.37 3.30
C LEU A 340 37.54 11.95 4.75
N ASN A 341 36.44 12.38 5.37
CA ASN A 341 36.11 11.97 6.72
C ASN A 341 35.32 10.66 6.66
N LEU A 342 35.58 9.79 7.63
CA LEU A 342 35.03 8.44 7.60
C LEU A 342 33.82 8.33 8.52
N TRP A 343 32.96 7.34 8.22
CA TRP A 343 31.68 7.06 8.84
C TRP A 343 31.85 6.04 9.97
N PRO A 344 31.06 6.13 11.07
CA PRO A 344 31.11 5.14 12.12
C PRO A 344 30.82 3.75 11.59
N VAL A 345 31.20 2.75 12.37
CA VAL A 345 31.01 1.35 11.93
C VAL A 345 29.51 1.15 11.86
N PRO A 346 29.00 0.29 10.97
CA PRO A 346 27.58 0.02 10.88
C PRO A 346 27.12 -0.93 11.99
N HIS A 347 25.89 -1.46 11.88
CA HIS A 347 25.31 -2.30 12.94
C HIS A 347 26.00 -3.65 12.83
N GLY A 348 27.25 -3.70 13.26
CA GLY A 348 28.03 -4.92 13.04
C GLY A 348 28.51 -4.89 11.61
N LEU A 349 29.30 -5.88 11.23
CA LEU A 349 29.72 -5.98 9.82
C LEU A 349 30.18 -7.43 9.67
N GLU A 350 30.28 -7.93 8.44
CA GLU A 350 30.81 -9.31 8.24
C GLU A 350 32.21 -9.17 7.65
N ASP A 351 32.83 -8.00 7.78
CA ASP A 351 34.19 -7.83 7.29
C ASP A 351 34.72 -6.50 7.82
N LEU A 352 35.99 -6.23 7.54
CA LEU A 352 36.61 -4.96 7.87
C LEU A 352 36.30 -3.87 6.86
N LEU A 353 35.72 -4.22 5.71
CA LEU A 353 35.30 -3.26 4.70
C LEU A 353 33.78 -3.27 4.58
N ASN A 354 33.25 -2.19 4.00
CA ASN A 354 31.82 -2.03 3.79
C ASN A 354 31.58 -1.52 2.38
N PRO A 355 31.64 -2.41 1.39
CA PRO A 355 31.45 -1.94 0.00
C PRO A 355 30.04 -1.49 -0.30
N ILE A 356 29.02 -2.21 0.21
CA ILE A 356 27.63 -1.82 0.01
C ILE A 356 27.31 -0.49 0.68
N GLY A 357 28.24 0.06 1.46
CA GLY A 357 28.03 1.33 2.11
C GLY A 357 27.92 2.48 1.12
N VAL A 358 27.63 3.65 1.68
CA VAL A 358 27.42 4.82 0.80
C VAL A 358 28.75 5.45 0.48
N THR A 359 28.79 6.12 -0.64
CA THR A 359 29.99 6.75 -1.15
C THR A 359 29.96 8.24 -0.86
N GLY A 360 31.07 8.76 -0.32
CA GLY A 360 31.17 10.19 -0.05
C GLY A 360 31.83 10.51 1.27
N SER A 361 32.22 11.76 1.44
CA SER A 361 32.87 12.19 2.68
C SER A 361 31.82 12.51 3.74
N ASN A 362 32.24 12.44 5.00
CA ASN A 362 31.35 12.69 6.13
C ASN A 362 31.24 14.19 6.38
N PRO A 363 30.02 14.74 6.42
CA PRO A 363 29.88 16.17 6.74
C PRO A 363 30.40 16.54 8.11
N ASN A 364 30.32 15.64 9.09
CA ASN A 364 30.85 15.90 10.42
C ASN A 364 32.37 15.87 10.38
N LYS A 365 33.01 16.96 10.82
CA LYS A 365 34.45 17.09 10.70
C LYS A 365 35.21 16.70 11.97
N GLU A 366 34.51 16.38 13.06
CA GLU A 366 35.16 15.81 14.24
C GLU A 366 35.23 14.29 14.17
N THR A 367 35.50 13.76 12.99
CA THR A 367 35.57 12.34 12.71
C THR A 367 36.92 12.01 12.08
N PRO A 368 37.32 10.75 12.09
CA PRO A 368 38.61 10.37 11.48
C PRO A 368 38.68 10.77 10.02
N CYS A 369 39.65 11.62 9.70
CA CYS A 369 39.89 12.10 8.35
C CYS A 369 41.14 11.44 7.80
N LEU A 370 41.05 10.91 6.58
CA LEU A 370 42.15 10.21 5.93
C LEU A 370 42.52 10.94 4.65
N GLU A 371 43.80 11.27 4.51
CA GLU A 371 44.30 12.00 3.35
C GLU A 371 44.92 11.03 2.37
N LEU A 372 44.42 11.02 1.14
CA LEU A 372 44.90 10.13 0.09
C LEU A 372 45.57 10.93 -1.02
N GLU A 373 46.19 10.20 -1.94
CA GLU A 373 46.71 10.79 -3.17
C GLU A 373 46.65 9.73 -4.27
N PHE A 374 45.89 10.07 -5.31
CA PHE A 374 45.74 9.15 -6.45
C PHE A 374 46.80 9.53 -7.47
N ASP A 375 47.15 8.59 -8.33
CA ASP A 375 48.27 8.88 -9.26
C ASP A 375 47.85 10.01 -10.18
N TRP A 376 48.77 10.93 -10.43
CA TRP A 376 48.49 12.05 -11.34
C TRP A 376 49.16 11.79 -12.68
N PHE A 377 48.36 11.52 -13.69
CA PHE A 377 48.92 11.42 -15.05
C PHE A 377 48.80 12.83 -15.61
N SER A 378 49.73 13.26 -16.46
CA SER A 378 49.80 14.68 -16.88
C SER A 378 48.51 15.31 -17.45
N SER A 379 47.47 14.55 -17.77
CA SER A 379 46.28 15.14 -18.36
C SER A 379 45.04 14.67 -17.61
N VAL A 380 43.91 15.31 -17.92
CA VAL A 380 42.64 14.91 -17.35
C VAL A 380 42.18 13.61 -18.00
N VAL A 381 41.97 12.58 -17.19
CA VAL A 381 41.65 11.25 -17.68
C VAL A 381 40.13 11.06 -17.64
N LYS A 382 39.55 10.76 -18.80
CA LYS A 382 38.11 10.55 -18.93
C LYS A 382 37.82 9.12 -19.36
N PHE A 383 36.63 8.65 -19.00
CA PHE A 383 36.18 7.35 -19.48
C PHE A 383 35.84 7.44 -20.96
N PRO A 384 36.20 6.42 -21.75
CA PRO A 384 35.94 6.50 -23.20
C PRO A 384 34.46 6.51 -23.51
N ASP A 385 34.10 7.26 -24.56
CA ASP A 385 32.72 7.31 -25.00
C ASP A 385 32.36 6.02 -25.73
N MET A 386 31.05 5.82 -25.92
CA MET A 386 30.54 4.58 -26.49
C MET A 386 31.04 4.34 -27.92
N SER A 387 31.40 5.40 -28.65
CA SER A 387 31.94 5.20 -30.00
C SER A 387 33.28 4.48 -29.94
N VAL A 388 34.12 4.81 -28.97
CA VAL A 388 35.38 4.10 -28.80
C VAL A 388 35.12 2.71 -28.20
N ILE A 389 34.15 2.60 -27.30
CA ILE A 389 33.85 1.32 -26.68
C ILE A 389 33.28 0.35 -27.69
N GLU A 390 32.35 0.80 -28.53
CA GLU A 390 31.77 -0.08 -29.54
C GLU A 390 32.80 -0.49 -30.59
N GLU A 391 33.77 0.38 -30.88
CA GLU A 391 34.81 0.02 -31.85
C GLU A 391 35.77 -1.00 -31.27
N HIS A 392 36.05 -0.92 -29.96
CA HIS A 392 36.89 -1.92 -29.32
C HIS A 392 36.16 -3.25 -29.16
N ALA A 393 34.83 -3.20 -29.02
CA ALA A 393 34.06 -4.44 -28.90
C ALA A 393 34.08 -5.22 -30.20
N ASN A 394 33.86 -4.54 -31.33
CA ASN A 394 33.93 -5.21 -32.62
C ASN A 394 35.35 -5.63 -32.99
N TRP A 395 36.36 -5.02 -32.38
CA TRP A 395 37.72 -5.48 -32.59
C TRP A 395 37.98 -6.78 -31.84
N SER A 396 37.48 -6.89 -30.61
CA SER A 396 37.69 -8.09 -29.81
C SER A 396 36.95 -9.28 -30.40
N VAL A 397 35.73 -9.08 -30.87
CA VAL A 397 34.94 -10.18 -31.42
C VAL A 397 35.42 -10.59 -32.81
N SER A 398 36.06 -9.69 -33.56
CA SER A 398 36.58 -10.05 -34.87
C SER A 398 37.90 -10.81 -34.75
N ARG A 399 38.74 -10.46 -33.77
CA ARG A 399 39.93 -11.25 -33.51
C ARG A 399 39.57 -12.65 -33.04
N GLU A 400 38.44 -12.79 -32.35
CA GLU A 400 37.97 -14.09 -31.89
C GLU A 400 37.50 -14.98 -33.03
N ALA A 401 37.40 -14.46 -34.25
CA ALA A 401 37.00 -15.25 -35.40
C ALA A 401 38.20 -16.00 -35.99
N LEU A 420 23.16 -22.83 -31.44
CA LEU A 420 22.33 -23.48 -32.45
C LEU A 420 21.98 -24.91 -32.04
N ARG A 421 22.92 -25.57 -31.37
CA ARG A 421 22.70 -26.93 -30.92
C ARG A 421 21.56 -26.98 -29.92
N GLU A 422 20.59 -27.86 -30.17
CA GLU A 422 19.42 -27.96 -29.30
C GLU A 422 19.76 -28.59 -27.94
N ASN A 423 20.87 -29.30 -27.85
CA ASN A 423 21.26 -29.93 -26.58
C ASN A 423 21.52 -28.87 -25.51
N ASP A 424 22.52 -28.01 -25.74
CA ASP A 424 22.82 -26.94 -24.81
C ASP A 424 21.86 -25.76 -24.92
N LYS A 425 21.03 -25.71 -25.98
CA LYS A 425 19.98 -24.71 -26.05
C LYS A 425 18.95 -24.94 -24.94
N GLU A 426 18.57 -26.19 -24.71
CA GLU A 426 17.66 -26.50 -23.62
C GLU A 426 18.29 -26.18 -22.26
N GLN A 427 19.62 -26.28 -22.16
CA GLN A 427 20.29 -25.94 -20.91
C GLN A 427 20.23 -24.44 -20.64
N LEU A 428 20.22 -23.62 -21.69
CA LEU A 428 20.12 -22.18 -21.50
C LEU A 428 18.80 -21.81 -20.84
N LYS A 429 17.71 -22.47 -21.25
CA LYS A 429 16.43 -22.26 -20.58
C LYS A 429 16.47 -22.75 -19.13
N ALA A 430 17.24 -23.81 -18.87
CA ALA A 430 17.37 -24.30 -17.49
C ALA A 430 18.11 -23.31 -16.61
N ILE A 431 19.09 -22.59 -17.17
CA ILE A 431 19.81 -21.59 -16.39
C ILE A 431 18.94 -20.35 -16.20
N SER A 432 18.03 -20.07 -17.13
CA SER A 432 17.18 -18.89 -17.01
C SER A 432 16.18 -19.03 -15.86
N THR A 433 15.73 -20.25 -15.57
CA THR A 433 14.73 -20.46 -14.52
C THR A 433 15.32 -20.50 -13.12
N ARG A 434 16.65 -20.46 -12.99
CA ARG A 434 17.28 -20.48 -11.68
C ARG A 434 16.87 -19.24 -10.87
N ASP A 435 16.91 -19.38 -9.55
CA ASP A 435 16.63 -18.26 -8.67
C ASP A 435 17.83 -17.33 -8.61
N PRO A 436 17.62 -16.06 -8.27
CA PRO A 436 18.74 -15.09 -8.31
C PRO A 436 19.89 -15.43 -7.37
N LEU A 437 19.69 -16.32 -6.39
CA LEU A 437 20.75 -16.68 -5.46
C LEU A 437 21.24 -18.11 -5.66
N SER A 438 20.91 -18.72 -6.80
CA SER A 438 21.43 -20.04 -7.13
C SER A 438 22.87 -19.94 -7.59
N GLU A 439 23.74 -20.76 -7.02
CA GLU A 439 25.16 -20.73 -7.35
C GLU A 439 25.36 -21.18 -8.79
N ILE A 440 25.77 -20.24 -9.65
CA ILE A 440 26.10 -20.56 -11.04
C ILE A 440 27.59 -20.89 -11.10
N THR A 441 27.90 -22.14 -11.48
CA THR A 441 29.27 -22.61 -11.43
C THR A 441 30.13 -21.91 -12.49
N GLU A 442 31.45 -22.00 -12.30
CA GLU A 442 32.37 -21.39 -13.26
C GLU A 442 32.27 -22.05 -14.62
N GLN A 443 31.90 -23.33 -14.67
CA GLN A 443 31.64 -23.96 -15.96
C GLN A 443 30.42 -23.35 -16.63
N GLU A 444 29.36 -23.10 -15.86
CA GLU A 444 28.16 -22.50 -16.43
C GLU A 444 28.38 -21.03 -16.78
N LYS A 445 29.23 -20.33 -16.05
CA LYS A 445 29.55 -18.95 -16.39
C LYS A 445 30.27 -18.87 -17.73
N ASP A 446 31.30 -19.71 -17.91
CA ASP A 446 31.97 -19.77 -19.20
C ASP A 446 31.02 -20.24 -20.30
N PHE A 447 30.06 -21.09 -19.95
CA PHE A 447 29.09 -21.56 -20.94
C PHE A 447 28.14 -20.44 -21.36
N LEU A 448 27.67 -19.65 -20.40
CA LEU A 448 26.80 -18.52 -20.73
C LEU A 448 27.53 -17.48 -21.56
N TRP A 449 28.77 -17.15 -21.17
CA TRP A 449 29.50 -16.09 -21.84
C TRP A 449 29.86 -16.48 -23.27
N SER A 450 30.09 -17.76 -23.54
CA SER A 450 30.41 -18.18 -24.90
C SER A 450 29.22 -18.01 -25.82
N HIS A 451 28.02 -18.31 -25.33
CA HIS A 451 26.78 -18.17 -26.11
C HIS A 451 26.10 -16.83 -25.86
N ARG A 452 26.90 -15.75 -25.71
CA ARG A 452 26.32 -14.46 -25.33
C ARG A 452 25.50 -13.85 -26.46
N HIS A 453 25.81 -14.17 -27.72
CA HIS A 453 25.05 -13.61 -28.83
C HIS A 453 23.74 -14.36 -29.07
N TYR A 454 23.63 -15.61 -28.63
CA TYR A 454 22.41 -16.38 -28.79
C TYR A 454 21.43 -16.18 -27.65
N CYS A 455 21.93 -15.89 -26.45
CA CYS A 455 21.03 -15.74 -25.30
C CYS A 455 20.24 -14.44 -25.34
N VAL A 456 20.29 -13.66 -26.42
CA VAL A 456 19.33 -12.59 -26.61
C VAL A 456 17.97 -13.16 -26.97
N THR A 457 17.93 -14.41 -27.47
CA THR A 457 16.67 -15.09 -27.71
C THR A 457 15.92 -15.33 -26.41
N ILE A 458 16.65 -15.56 -25.31
CA ILE A 458 16.06 -15.72 -23.98
C ILE A 458 16.46 -14.50 -23.16
N PRO A 459 15.76 -13.37 -23.30
CA PRO A 459 16.24 -12.12 -22.69
C PRO A 459 16.24 -12.15 -21.17
N GLU A 460 15.43 -13.00 -20.53
CA GLU A 460 15.41 -13.05 -19.08
C GLU A 460 16.68 -13.65 -18.48
N ILE A 461 17.56 -14.24 -19.30
CA ILE A 461 18.82 -14.76 -18.82
C ILE A 461 19.86 -13.67 -18.58
N LEU A 462 19.53 -12.42 -18.93
CA LEU A 462 20.49 -11.32 -18.82
C LEU A 462 21.13 -11.19 -17.44
N PRO A 463 20.40 -11.27 -16.32
CA PRO A 463 21.09 -11.20 -15.02
C PRO A 463 22.08 -12.34 -14.81
N LYS A 464 21.75 -13.55 -15.25
CA LYS A 464 22.69 -14.66 -15.14
C LYS A 464 23.91 -14.43 -16.04
N LEU A 465 23.68 -13.90 -17.24
CA LEU A 465 24.78 -13.64 -18.16
C LEU A 465 25.67 -12.50 -17.66
N LEU A 466 25.07 -11.48 -17.05
CA LEU A 466 25.83 -10.34 -16.58
C LEU A 466 26.78 -10.74 -15.46
N LEU A 467 26.37 -11.65 -14.59
CA LEU A 467 27.23 -12.12 -13.52
C LEU A 467 28.30 -13.10 -14.00
N SER A 468 28.23 -13.54 -15.25
CA SER A 468 29.27 -14.36 -15.86
C SER A 468 30.26 -13.52 -16.66
N VAL A 469 30.37 -12.23 -16.36
CA VAL A 469 31.24 -11.30 -17.06
C VAL A 469 32.38 -10.91 -16.14
N LYS A 470 33.60 -11.00 -16.64
CA LYS A 470 34.77 -10.50 -15.91
C LYS A 470 34.81 -8.99 -16.05
N TRP A 471 34.26 -8.29 -15.05
CA TRP A 471 34.19 -6.84 -15.12
C TRP A 471 35.54 -6.16 -14.94
N ASN A 472 36.60 -6.92 -14.67
CA ASN A 472 37.96 -6.40 -14.66
C ASN A 472 38.65 -6.54 -16.01
N SER A 473 37.88 -6.75 -17.08
CA SER A 473 38.41 -6.88 -18.43
C SER A 473 37.66 -5.94 -19.36
N ARG A 474 38.38 -4.96 -19.93
CA ARG A 474 37.75 -4.05 -20.88
C ARG A 474 37.30 -4.77 -22.14
N ASP A 475 37.96 -5.89 -22.49
CA ASP A 475 37.55 -6.65 -23.65
C ASP A 475 36.16 -7.23 -23.48
N GLU A 476 35.86 -7.75 -22.28
CA GLU A 476 34.55 -8.34 -22.04
C GLU A 476 33.48 -7.28 -21.86
N VAL A 477 33.77 -6.25 -21.05
CA VAL A 477 32.77 -5.24 -20.73
C VAL A 477 32.35 -4.50 -22.00
N ALA A 478 33.29 -4.27 -22.92
CA ALA A 478 32.95 -3.61 -24.17
C ALA A 478 31.95 -4.41 -24.98
N GLN A 479 32.18 -5.72 -25.10
CA GLN A 479 31.20 -6.57 -25.78
C GLN A 479 29.90 -6.66 -25.00
N MET A 480 29.91 -6.46 -23.69
CA MET A 480 28.66 -6.61 -22.91
C MET A 480 27.87 -5.31 -23.05
N TYR A 481 28.56 -4.20 -23.20
CA TYR A 481 27.86 -2.92 -23.40
C TYR A 481 27.07 -3.01 -24.69
N CYS A 482 27.67 -3.58 -25.71
CA CYS A 482 27.01 -3.66 -27.02
C CYS A 482 25.76 -4.54 -26.98
N LEU A 483 25.77 -5.60 -26.19
CA LEU A 483 24.62 -6.54 -26.21
C LEU A 483 23.42 -5.95 -25.48
N VAL A 484 23.72 -5.23 -24.39
CA VAL A 484 22.67 -4.60 -23.54
C VAL A 484 22.20 -3.34 -24.25
N LYS A 485 23.01 -2.85 -25.16
CA LYS A 485 22.66 -1.62 -25.87
C LYS A 485 21.35 -1.78 -26.64
N ASP A 486 21.19 -2.92 -27.30
CA ASP A 486 19.95 -3.24 -28.01
C ASP A 486 19.34 -4.54 -27.46
N TRP A 487 19.41 -4.70 -26.14
CA TRP A 487 18.85 -5.90 -25.52
C TRP A 487 17.32 -5.80 -25.49
N PRO A 488 16.62 -6.91 -25.73
CA PRO A 488 15.15 -6.88 -25.67
C PRO A 488 14.67 -6.57 -24.27
N PRO A 489 13.66 -5.70 -24.13
CA PRO A 489 13.17 -5.35 -22.81
C PRO A 489 12.47 -6.54 -22.14
N ILE A 490 12.49 -6.54 -20.82
CA ILE A 490 11.92 -7.63 -20.03
C ILE A 490 10.89 -7.09 -19.06
N LYS A 491 10.23 -7.99 -18.33
CA LYS A 491 9.17 -7.60 -17.41
C LYS A 491 9.73 -6.78 -16.26
N PRO A 492 8.89 -5.94 -15.65
CA PRO A 492 9.38 -5.13 -14.51
C PRO A 492 9.86 -5.96 -13.33
N GLU A 493 9.21 -7.10 -13.05
CA GLU A 493 9.63 -7.94 -11.94
C GLU A 493 11.04 -8.48 -12.15
N GLN A 494 11.44 -8.68 -13.40
CA GLN A 494 12.79 -9.18 -13.71
C GLN A 494 13.82 -8.06 -13.83
N ALA A 495 13.39 -6.87 -14.28
CA ALA A 495 14.32 -5.76 -14.42
C ALA A 495 14.71 -5.14 -13.09
N MET A 496 13.87 -5.27 -12.07
CA MET A 496 14.23 -4.74 -10.75
C MET A 496 15.42 -5.46 -10.17
N GLU A 497 15.62 -6.74 -10.53
CA GLU A 497 16.80 -7.47 -10.08
C GLU A 497 18.07 -6.80 -10.54
N LEU A 498 18.05 -6.18 -11.72
CA LEU A 498 19.19 -5.45 -12.25
C LEU A 498 19.43 -4.12 -11.54
N LEU A 499 18.70 -3.83 -10.46
CA LEU A 499 18.85 -2.57 -9.73
C LEU A 499 19.35 -2.76 -8.31
N ASP A 500 19.66 -3.98 -7.89
CA ASP A 500 20.18 -4.20 -6.54
C ASP A 500 21.70 -3.99 -6.55
N CYS A 501 22.35 -4.37 -5.44
CA CYS A 501 23.79 -4.12 -5.30
C CYS A 501 24.65 -5.00 -6.21
N ASN A 502 24.05 -5.99 -6.89
CA ASN A 502 24.83 -6.88 -7.73
C ASN A 502 25.15 -6.31 -9.11
N TYR A 503 24.44 -5.26 -9.53
CA TYR A 503 24.58 -4.70 -10.87
C TYR A 503 24.78 -3.20 -10.75
N PRO A 504 26.01 -2.75 -10.47
CA PRO A 504 26.29 -1.32 -10.34
C PRO A 504 26.62 -0.60 -11.63
N ASP A 505 26.76 -1.32 -12.73
CA ASP A 505 27.16 -0.68 -13.98
C ASP A 505 26.04 0.22 -14.50
N PRO A 506 26.35 1.44 -14.93
CA PRO A 506 25.26 2.35 -15.37
C PRO A 506 24.51 1.85 -16.59
N MET A 507 25.19 1.22 -17.55
CA MET A 507 24.51 0.73 -18.73
C MET A 507 23.51 -0.35 -18.38
N VAL A 508 23.84 -1.20 -17.40
CA VAL A 508 22.90 -2.23 -16.95
C VAL A 508 21.69 -1.58 -16.28
N ARG A 509 21.93 -0.59 -15.41
CA ARG A 509 20.84 0.06 -14.70
C ARG A 509 20.01 0.92 -15.65
N GLY A 510 20.66 1.59 -16.60
CA GLY A 510 19.92 2.37 -17.58
C GLY A 510 18.95 1.52 -18.39
N PHE A 511 19.36 0.28 -18.70
CA PHE A 511 18.45 -0.64 -19.37
C PHE A 511 17.29 -1.02 -18.45
N ALA A 512 17.57 -1.25 -17.16
CA ALA A 512 16.51 -1.64 -16.24
C ALA A 512 15.50 -0.52 -16.03
N VAL A 513 15.97 0.73 -16.01
CA VAL A 513 15.07 1.86 -15.85
C VAL A 513 14.16 1.98 -17.07
N ARG A 514 14.74 1.87 -18.27
CA ARG A 514 13.95 2.00 -19.49
C ARG A 514 12.92 0.89 -19.60
N CYS A 515 13.19 -0.28 -19.01
CA CYS A 515 12.17 -1.33 -18.96
C CYS A 515 11.01 -0.92 -18.06
N LEU A 516 11.32 -0.30 -16.92
CA LEU A 516 10.26 0.18 -16.03
C LEU A 516 9.46 1.30 -16.68
N GLU A 517 10.13 2.18 -17.42
CA GLU A 517 9.43 3.30 -18.04
C GLU A 517 8.43 2.84 -19.09
N LYS A 518 8.64 1.67 -19.67
CA LYS A 518 7.77 1.17 -20.73
C LYS A 518 6.70 0.22 -20.24
N TYR A 519 6.91 -0.47 -19.12
CA TYR A 519 6.01 -1.53 -18.69
C TYR A 519 5.48 -1.40 -17.27
N LEU A 520 6.12 -0.62 -16.40
CA LEU A 520 5.70 -0.54 -15.00
C LEU A 520 4.51 0.40 -14.88
N THR A 521 3.34 -0.17 -14.59
CA THR A 521 2.14 0.63 -14.36
C THR A 521 2.24 1.32 -13.00
N ASP A 522 1.36 2.32 -12.81
CA ASP A 522 1.34 3.02 -11.53
C ASP A 522 0.90 2.12 -10.39
N ASP A 523 0.07 1.12 -10.68
CA ASP A 523 -0.37 0.19 -9.64
C ASP A 523 0.81 -0.61 -9.09
N LYS A 524 1.63 -1.19 -9.98
CA LYS A 524 2.79 -1.95 -9.53
C LYS A 524 3.87 -1.03 -8.99
N LEU A 525 3.94 0.21 -9.47
CA LEU A 525 4.94 1.15 -8.95
C LEU A 525 4.70 1.45 -7.48
N SER A 526 3.43 1.64 -7.09
CA SER A 526 3.13 1.81 -5.68
C SER A 526 3.38 0.54 -4.89
N GLN A 527 3.21 -0.62 -5.52
CA GLN A 527 3.39 -1.88 -4.81
C GLN A 527 4.85 -2.11 -4.44
N TYR A 528 5.77 -1.83 -5.37
CA TYR A 528 7.20 -1.99 -5.14
C TYR A 528 7.89 -0.66 -4.88
N LEU A 529 7.16 0.34 -4.38
CA LEU A 529 7.75 1.66 -4.22
C LEU A 529 8.86 1.67 -3.17
N ILE A 530 8.68 0.93 -2.08
CA ILE A 530 9.69 0.93 -1.03
C ILE A 530 10.98 0.26 -1.50
N GLN A 531 10.87 -0.77 -2.35
CA GLN A 531 12.06 -1.40 -2.91
C GLN A 531 12.77 -0.47 -3.87
N LEU A 532 12.02 0.23 -4.73
CA LEU A 532 12.63 1.13 -5.70
C LEU A 532 13.23 2.38 -5.04
N VAL A 533 12.74 2.74 -3.85
CA VAL A 533 13.33 3.87 -3.14
C VAL A 533 14.66 3.48 -2.51
N GLN A 534 14.76 2.25 -1.98
CA GLN A 534 15.98 1.82 -1.31
C GLN A 534 17.13 1.69 -2.30
N VAL A 535 16.87 1.22 -3.52
CA VAL A 535 17.94 1.03 -4.50
C VAL A 535 18.48 2.35 -5.02
N LEU A 536 17.87 3.49 -4.65
CA LEU A 536 18.47 4.78 -4.97
C LEU A 536 19.83 4.93 -4.31
N LYS A 537 20.01 4.33 -3.12
CA LYS A 537 21.29 4.39 -2.43
C LYS A 537 22.38 3.64 -3.20
N TYR A 538 22.00 2.66 -4.03
CA TYR A 538 22.97 1.91 -4.81
C TYR A 538 23.54 2.73 -5.96
N GLU A 539 22.83 3.77 -6.41
CA GLU A 539 23.37 4.67 -7.42
C GLU A 539 24.55 5.44 -6.84
N GLN A 540 25.61 5.59 -7.63
CA GLN A 540 26.80 6.28 -7.17
C GLN A 540 26.78 7.77 -7.48
N TYR A 541 25.79 8.25 -8.22
CA TYR A 541 25.66 9.67 -8.54
C TYR A 541 24.26 10.15 -8.24
N LEU A 542 24.16 11.41 -7.83
CA LEU A 542 22.85 12.00 -7.52
C LEU A 542 21.97 12.05 -8.75
N ASP A 543 22.50 12.61 -9.85
CA ASP A 543 21.76 12.74 -11.09
C ASP A 543 21.90 11.44 -11.88
N ASN A 544 20.90 10.56 -11.76
CA ASN A 544 20.87 9.32 -12.53
C ASN A 544 19.54 9.17 -13.25
N LEU A 545 19.31 8.00 -13.84
CA LEU A 545 18.08 7.77 -14.60
C LEU A 545 16.96 7.18 -13.76
N LEU A 546 17.29 6.46 -12.68
CA LEU A 546 16.25 5.92 -11.81
C LEU A 546 15.56 7.01 -11.02
N VAL A 547 16.32 7.98 -10.50
CA VAL A 547 15.72 9.04 -9.70
C VAL A 547 14.83 9.93 -10.55
N ARG A 548 15.15 10.08 -11.85
CA ARG A 548 14.30 10.88 -12.72
C ARG A 548 12.99 10.17 -13.02
N PHE A 549 13.03 8.84 -13.14
CA PHE A 549 11.80 8.08 -13.38
C PHE A 549 10.89 8.11 -12.16
N LEU A 550 11.46 8.02 -10.95
CA LEU A 550 10.64 8.05 -9.75
C LEU A 550 10.08 9.44 -9.49
N LEU A 551 10.93 10.47 -9.59
CA LEU A 551 10.48 11.83 -9.32
C LEU A 551 9.38 12.25 -10.29
N LYS A 552 9.51 11.88 -11.57
CA LYS A 552 8.48 12.20 -12.55
C LYS A 552 7.16 11.52 -12.20
N LYS A 553 7.22 10.26 -11.78
CA LYS A 553 6.00 9.55 -11.42
C LYS A 553 5.42 10.06 -10.11
N ALA A 554 6.28 10.53 -9.20
CA ALA A 554 5.79 11.08 -7.94
C ALA A 554 5.10 12.43 -8.16
N LEU A 555 5.52 13.18 -9.18
CA LEU A 555 4.90 14.44 -9.53
C LEU A 555 3.76 14.31 -10.53
N THR A 556 3.50 13.09 -11.00
CA THR A 556 2.38 12.79 -11.89
C THR A 556 1.24 12.07 -11.18
N ASN A 557 1.55 11.30 -10.14
CA ASN A 557 0.55 10.59 -9.34
C ASN A 557 0.75 10.98 -7.89
N GLN A 558 -0.24 11.64 -7.31
CA GLN A 558 -0.09 12.14 -5.94
C GLN A 558 -0.15 11.03 -4.91
N ARG A 559 -0.86 9.93 -5.22
CA ARG A 559 -0.80 8.77 -4.34
C ARG A 559 0.60 8.19 -4.28
N ILE A 560 1.29 8.18 -5.42
CA ILE A 560 2.70 7.79 -5.44
C ILE A 560 3.54 8.81 -4.68
N GLY A 561 3.37 10.10 -5.01
CA GLY A 561 4.18 11.13 -4.39
C GLY A 561 3.99 11.22 -2.89
N HIS A 562 2.82 10.83 -2.39
CA HIS A 562 2.59 10.82 -0.95
C HIS A 562 3.56 9.87 -0.26
N PHE A 563 3.53 8.59 -0.64
CA PHE A 563 4.42 7.61 -0.02
C PHE A 563 5.86 7.81 -0.47
N PHE A 564 6.06 8.31 -1.69
CA PHE A 564 7.41 8.69 -2.11
C PHE A 564 8.02 9.71 -1.16
N PHE A 565 7.20 10.66 -0.70
CA PHE A 565 7.67 11.65 0.26
C PHE A 565 8.03 11.00 1.60
N TRP A 566 7.16 10.13 2.10
CA TRP A 566 7.35 9.60 3.45
C TRP A 566 8.47 8.57 3.52
N HIS A 567 8.66 7.77 2.47
CA HIS A 567 9.80 6.87 2.44
C HIS A 567 11.11 7.64 2.45
N LEU A 568 11.17 8.75 1.72
CA LEU A 568 12.35 9.61 1.75
C LEU A 568 12.48 10.32 3.10
N LYS A 569 11.37 10.84 3.63
CA LYS A 569 11.43 11.63 4.85
C LYS A 569 11.80 10.77 6.05
N SER A 570 11.35 9.50 6.08
CA SER A 570 11.60 8.64 7.22
C SER A 570 13.08 8.35 7.43
N GLU A 571 13.92 8.58 6.42
CA GLU A 571 15.34 8.30 6.51
C GLU A 571 16.19 9.56 6.50
N MET A 572 15.59 10.74 6.71
CA MET A 572 16.37 11.97 6.79
C MET A 572 17.24 12.02 8.04
N HIS A 573 16.97 11.17 9.03
CA HIS A 573 17.83 11.10 10.20
C HIS A 573 19.13 10.38 9.90
N ASN A 574 19.17 9.54 8.87
CA ASN A 574 20.37 8.81 8.50
C ASN A 574 21.29 9.75 7.72
N LYS A 575 22.37 10.18 8.35
CA LYS A 575 23.28 11.14 7.74
C LYS A 575 24.02 10.57 6.53
N THR A 576 23.95 9.27 6.29
CA THR A 576 24.57 8.69 5.10
C THR A 576 23.75 8.92 3.84
N VAL A 577 22.45 9.21 3.98
CA VAL A 577 21.57 9.44 2.83
C VAL A 577 20.80 10.75 2.92
N SER A 578 21.05 11.57 3.95
CA SER A 578 20.25 12.77 4.14
C SER A 578 20.48 13.80 3.05
N GLN A 579 21.67 13.82 2.44
CA GLN A 579 21.91 14.79 1.37
C GLN A 579 21.25 14.35 0.07
N ARG A 580 21.31 13.06 -0.26
CA ARG A 580 20.66 12.59 -1.47
C ARG A 580 19.14 12.69 -1.35
N PHE A 581 18.59 12.19 -0.25
CA PHE A 581 17.13 12.24 -0.06
C PHE A 581 16.65 13.66 0.18
N GLY A 582 17.47 14.51 0.80
CA GLY A 582 17.06 15.88 1.02
C GLY A 582 16.96 16.67 -0.27
N LEU A 583 17.98 16.56 -1.12
CA LEU A 583 17.93 17.23 -2.42
C LEU A 583 16.79 16.67 -3.28
N LEU A 584 16.47 15.39 -3.13
CA LEU A 584 15.36 14.82 -3.89
C LEU A 584 14.03 15.30 -3.34
N LEU A 585 13.90 15.37 -2.01
CA LEU A 585 12.68 15.92 -1.42
C LEU A 585 12.49 17.38 -1.82
N GLU A 586 13.58 18.16 -1.84
CA GLU A 586 13.49 19.56 -2.24
C GLU A 586 12.91 19.69 -3.65
N SER A 587 13.46 18.95 -4.60
CA SER A 587 12.96 19.01 -5.97
C SER A 587 11.53 18.51 -6.06
N TYR A 588 11.13 17.57 -5.20
CA TYR A 588 9.75 17.11 -5.18
C TYR A 588 8.83 18.20 -4.60
N CYS A 589 9.14 18.67 -3.39
CA CYS A 589 8.31 19.68 -2.74
C CYS A 589 8.28 20.98 -3.54
N ARG A 590 9.27 21.23 -4.40
CA ARG A 590 9.28 22.43 -5.21
C ARG A 590 8.28 22.36 -6.36
N ALA A 591 7.81 21.16 -6.71
CA ALA A 591 6.91 21.02 -7.85
C ALA A 591 5.72 20.10 -7.58
N CYS A 592 5.50 19.68 -6.33
CA CYS A 592 4.38 18.82 -6.02
C CYS A 592 3.05 19.57 -5.99
N GLY A 593 3.08 20.90 -6.08
CA GLY A 593 1.87 21.69 -6.06
C GLY A 593 1.42 22.04 -4.66
N MET A 594 0.11 22.21 -4.48
CA MET A 594 -0.44 22.58 -3.18
C MET A 594 -0.45 21.44 -2.18
N TYR A 595 -0.14 20.21 -2.61
CA TYR A 595 -0.08 19.10 -1.66
C TYR A 595 1.05 19.27 -0.65
N LEU A 596 2.01 20.15 -0.93
CA LEU A 596 3.02 20.50 0.06
C LEU A 596 2.37 21.04 1.33
N LYS A 597 1.38 21.92 1.17
CA LYS A 597 0.66 22.46 2.31
C LYS A 597 0.02 21.34 3.13
N HIS A 598 -0.53 20.33 2.46
CA HIS A 598 -1.16 19.22 3.17
C HIS A 598 -0.11 18.34 3.85
N LEU A 599 1.05 18.16 3.21
CA LEU A 599 2.11 17.37 3.82
C LEU A 599 2.66 18.05 5.07
N ASN A 600 2.77 19.39 5.05
CA ASN A 600 3.26 20.10 6.22
C ASN A 600 2.34 19.94 7.41
N ARG A 601 1.03 19.79 7.17
CA ARG A 601 0.11 19.48 8.25
C ARG A 601 0.43 18.12 8.85
N GLN A 602 0.73 17.13 7.99
CA GLN A 602 1.06 15.80 8.48
C GLN A 602 2.38 15.81 9.24
N VAL A 603 3.38 16.52 8.72
CA VAL A 603 4.68 16.59 9.39
C VAL A 603 4.53 17.23 10.76
N GLU A 604 3.86 18.38 10.84
CA GLU A 604 3.68 19.05 12.12
C GLU A 604 2.89 18.20 13.10
N ALA A 605 1.92 17.43 12.60
CA ALA A 605 1.17 16.54 13.48
C ALA A 605 2.04 15.39 13.99
N MET A 606 2.91 14.87 13.14
CA MET A 606 3.80 13.79 13.57
C MET A 606 4.86 14.28 14.55
N GLU A 607 5.43 15.46 14.29
CA GLU A 607 6.43 16.00 15.21
C GLU A 607 5.84 16.28 16.58
N LYS A 608 4.56 16.66 16.64
CA LYS A 608 3.90 16.84 17.93
C LYS A 608 3.73 15.49 18.65
N LEU A 609 3.43 14.43 17.89
CA LEU A 609 3.31 13.11 18.51
C LEU A 609 4.68 12.56 18.89
N ILE A 610 5.70 12.86 18.10
CA ILE A 610 7.05 12.42 18.44
C ILE A 610 7.54 13.12 19.70
N ASN A 611 7.24 14.43 19.83
CA ASN A 611 7.63 15.16 21.03
C ASN A 611 6.84 14.69 22.25
N LEU A 612 5.59 14.34 22.09
CA LEU A 612 4.77 13.96 23.27
C LEU A 612 5.26 12.61 23.79
N THR A 613 5.43 11.63 22.90
CA THR A 613 5.89 10.33 23.36
C THR A 613 7.34 10.36 23.83
N ASP A 614 8.14 11.32 23.37
CA ASP A 614 9.53 11.41 23.83
C ASP A 614 9.59 11.84 25.30
N ILE A 615 8.95 12.96 25.64
CA ILE A 615 8.94 13.40 27.03
C ILE A 615 8.11 12.46 27.89
N LEU A 616 7.15 11.76 27.30
CA LEU A 616 6.43 10.71 28.02
C LEU A 616 7.38 9.61 28.47
N LYS A 617 8.39 9.32 27.65
CA LYS A 617 9.45 8.39 28.04
C LYS A 617 10.52 9.06 28.89
N GLN A 618 10.79 10.34 28.63
CA GLN A 618 11.87 11.03 29.34
C GLN A 618 11.54 11.22 30.81
N GLU A 619 10.30 11.60 31.12
CA GLU A 619 9.92 11.98 32.48
C GLU A 619 8.91 11.05 33.13
N LYS A 620 8.22 10.20 32.35
CA LYS A 620 7.14 9.38 32.88
C LYS A 620 7.27 7.91 32.48
N LYS A 621 8.50 7.45 32.21
CA LYS A 621 8.67 6.07 31.77
C LYS A 621 8.38 5.09 32.91
N ASP A 622 8.83 5.41 34.13
CA ASP A 622 8.64 4.49 35.25
C ASP A 622 7.26 4.60 35.86
N GLU A 623 6.66 5.79 35.81
CA GLU A 623 5.35 6.00 36.42
C GLU A 623 4.29 5.14 35.74
N THR A 624 3.24 4.83 36.49
CA THR A 624 2.22 3.90 36.01
C THR A 624 1.39 4.54 34.90
N GLN A 625 0.52 3.72 34.29
CA GLN A 625 -0.24 4.16 33.12
C GLN A 625 -1.27 5.22 33.49
N LYS A 626 -1.79 5.19 34.72
CA LYS A 626 -2.77 6.17 35.15
C LYS A 626 -2.18 7.58 35.17
N VAL A 627 -1.08 7.76 35.91
CA VAL A 627 -0.45 9.07 35.97
C VAL A 627 0.18 9.43 34.63
N GLN A 628 0.59 8.43 33.84
CA GLN A 628 1.01 8.70 32.47
C GLN A 628 -0.13 9.30 31.66
N MET A 629 -1.36 8.81 31.87
CA MET A 629 -2.50 9.34 31.14
C MET A 629 -2.84 10.77 31.58
N LYS A 630 -2.75 11.04 32.90
CA LYS A 630 -2.98 12.39 33.38
C LYS A 630 -2.04 13.37 32.72
N PHE A 631 -0.76 13.00 32.58
CA PHE A 631 0.18 13.84 31.84
C PHE A 631 -0.20 13.91 30.36
N LEU A 632 -0.67 12.79 29.80
CA LEU A 632 -0.99 12.74 28.38
C LEU A 632 -2.12 13.70 28.03
N VAL A 633 -3.27 13.55 28.70
CA VAL A 633 -4.42 14.38 28.39
C VAL A 633 -4.14 15.84 28.72
N GLU A 634 -3.33 16.10 29.75
CA GLU A 634 -3.02 17.49 30.11
C GLU A 634 -2.17 18.15 29.04
N GLN A 635 -1.39 17.38 28.30
CA GLN A 635 -0.60 17.93 27.20
C GLN A 635 -1.37 17.98 25.90
N MET A 636 -2.39 17.14 25.73
CA MET A 636 -3.17 17.13 24.50
C MET A 636 -4.30 18.15 24.50
N ARG A 637 -4.63 18.75 25.65
CA ARG A 637 -5.62 19.81 25.70
C ARG A 637 -5.07 21.17 25.30
N ARG A 638 -3.75 21.24 25.18
CA ARG A 638 -3.09 22.52 24.86
C ARG A 638 -3.53 22.93 23.47
N PRO A 639 -3.76 24.23 23.22
CA PRO A 639 -4.23 24.69 21.93
C PRO A 639 -3.24 24.47 20.78
N ASP A 640 -1.96 24.75 21.00
CA ASP A 640 -0.93 24.61 19.95
C ASP A 640 -0.96 23.17 19.47
N PHE A 641 -1.11 22.26 20.40
CA PHE A 641 -1.16 20.82 20.15
C PHE A 641 -2.47 20.42 19.49
N MET A 642 -3.60 20.69 20.15
CA MET A 642 -4.90 20.25 19.63
C MET A 642 -5.23 20.86 18.29
N ASP A 643 -4.59 21.98 17.93
CA ASP A 643 -4.76 22.55 16.60
C ASP A 643 -3.97 21.77 15.55
N ALA A 644 -2.79 21.28 15.92
CA ALA A 644 -1.93 20.60 14.96
C ALA A 644 -2.37 19.16 14.70
N LEU A 645 -3.06 18.53 15.65
CA LEU A 645 -3.47 17.15 15.52
C LEU A 645 -4.88 16.99 14.98
N GLN A 646 -5.42 18.02 14.36
CA GLN A 646 -6.77 17.97 13.79
C GLN A 646 -6.76 18.61 12.41
N GLY A 647 -7.56 18.05 11.51
CA GLY A 647 -7.69 18.58 10.17
C GLY A 647 -6.49 18.33 9.29
N PHE A 648 -6.13 17.07 9.08
CA PHE A 648 -5.03 16.71 8.20
C PHE A 648 -5.28 15.31 7.67
N LEU A 649 -4.52 14.95 6.63
CA LEU A 649 -4.68 13.66 5.98
C LEU A 649 -3.89 12.59 6.72
N SER A 650 -4.45 11.38 6.74
CA SER A 650 -3.78 10.25 7.38
C SER A 650 -2.55 9.83 6.57
N PRO A 651 -1.37 9.79 7.16
CA PRO A 651 -0.19 9.31 6.42
C PRO A 651 -0.31 7.84 6.00
N LEU A 652 -1.10 7.04 6.72
CA LEU A 652 -1.30 5.65 6.32
C LEU A 652 -2.06 5.57 5.01
N ASN A 653 -3.02 6.47 4.80
CA ASN A 653 -3.82 6.51 3.58
C ASN A 653 -4.28 7.94 3.35
N PRO A 654 -3.72 8.64 2.37
CA PRO A 654 -4.08 10.06 2.17
C PRO A 654 -5.54 10.28 1.80
N ALA A 655 -6.28 9.22 1.46
CA ALA A 655 -7.71 9.35 1.21
C ALA A 655 -8.51 9.45 2.52
N HIS A 656 -7.92 9.04 3.63
CA HIS A 656 -8.58 9.09 4.94
C HIS A 656 -8.35 10.46 5.56
N GLN A 657 -9.41 11.26 5.67
CA GLN A 657 -9.31 12.54 6.34
C GLN A 657 -9.45 12.37 7.84
N LEU A 658 -8.64 13.11 8.59
CA LEU A 658 -8.66 13.09 10.05
C LEU A 658 -9.15 14.44 10.54
N GLY A 659 -10.27 14.43 11.27
CA GLY A 659 -10.85 15.66 11.77
C GLY A 659 -10.58 15.92 13.24
N ASN A 660 -11.64 16.04 14.02
CA ASN A 660 -11.50 16.28 15.44
C ASN A 660 -10.92 15.05 16.15
N LEU A 661 -10.00 15.29 17.07
CA LEU A 661 -9.37 14.23 17.83
C LEU A 661 -10.25 13.88 19.03
N ARG A 662 -10.91 12.72 18.95
CA ARG A 662 -11.74 12.24 20.06
C ARG A 662 -10.82 11.73 21.16
N LEU A 663 -10.27 12.68 21.92
CA LEU A 663 -9.28 12.35 22.95
C LEU A 663 -9.89 11.57 24.11
N GLU A 664 -11.22 11.50 24.22
CA GLU A 664 -11.83 10.65 25.23
C GLU A 664 -11.55 9.18 24.95
N GLU A 665 -11.41 8.81 23.68
CA GLU A 665 -11.11 7.45 23.27
C GLU A 665 -9.62 7.22 23.05
N CYS A 666 -8.79 8.24 23.23
CA CYS A 666 -7.34 8.08 23.09
C CYS A 666 -6.76 7.54 24.40
N ARG A 667 -5.78 6.66 24.27
CA ARG A 667 -5.23 5.99 25.45
C ARG A 667 -3.83 5.48 25.13
N ILE A 668 -3.09 5.18 26.20
CA ILE A 668 -1.80 4.53 26.10
C ILE A 668 -2.00 3.02 26.25
N MET A 669 -1.55 2.26 25.26
CA MET A 669 -1.77 0.84 25.23
C MET A 669 -0.84 0.11 26.21
N SER A 670 -1.09 -1.18 26.38
CA SER A 670 -0.30 -2.00 27.30
C SER A 670 0.78 -2.75 26.53
N SER A 671 1.79 -1.98 26.13
CA SER A 671 2.96 -2.52 25.45
C SER A 671 4.20 -1.87 26.05
N ALA A 672 5.37 -2.27 25.54
CA ALA A 672 6.63 -1.92 26.19
C ALA A 672 6.94 -0.43 26.07
N LYS A 673 6.88 0.11 24.86
CA LYS A 673 7.32 1.48 24.58
C LYS A 673 6.16 2.45 24.45
N ARG A 674 5.07 2.21 25.19
CA ARG A 674 3.93 3.13 25.32
C ARG A 674 3.36 3.55 23.96
N PRO A 675 2.67 2.65 23.26
CA PRO A 675 2.02 3.07 22.01
C PRO A 675 0.79 3.91 22.31
N LEU A 676 0.48 4.82 21.38
CA LEU A 676 -0.62 5.77 21.53
C LEU A 676 -1.77 5.33 20.64
N TRP A 677 -2.84 4.83 21.26
CA TRP A 677 -4.09 4.56 20.56
C TRP A 677 -4.79 5.89 20.31
N LEU A 678 -4.91 6.30 19.05
CA LEU A 678 -5.46 7.58 18.69
C LEU A 678 -6.77 7.40 17.91
N ASN A 679 -7.73 8.26 18.19
CA ASN A 679 -9.06 8.19 17.58
C ASN A 679 -9.42 9.56 17.01
N TRP A 680 -9.70 9.61 15.72
CA TRP A 680 -10.20 10.80 15.06
C TRP A 680 -11.60 10.56 14.53
N GLU A 681 -12.32 11.64 14.27
CA GLU A 681 -13.61 11.55 13.60
C GLU A 681 -13.42 11.77 12.11
N ASN A 682 -14.21 11.06 11.31
CA ASN A 682 -14.12 11.15 9.86
C ASN A 682 -14.96 12.32 9.39
N PRO A 683 -14.36 13.39 8.84
CA PRO A 683 -15.13 14.58 8.48
C PRO A 683 -15.89 14.46 7.16
N ASP A 684 -15.88 13.31 6.52
CA ASP A 684 -16.60 13.15 5.26
C ASP A 684 -18.10 13.30 5.50
N ILE A 685 -18.79 13.83 4.48
CA ILE A 685 -20.22 14.10 4.60
C ILE A 685 -20.99 12.80 4.86
N MET A 686 -20.51 11.68 4.32
CA MET A 686 -21.16 10.40 4.54
C MET A 686 -20.22 9.44 5.24
N SER A 687 -19.68 9.85 6.39
CA SER A 687 -18.74 9.01 7.12
C SER A 687 -19.44 7.80 7.73
N GLU A 688 -20.74 7.90 8.03
CA GLU A 688 -21.46 6.80 8.66
C GLU A 688 -21.57 5.58 7.76
N LEU A 689 -21.45 5.75 6.44
CA LEU A 689 -21.53 4.63 5.52
C LEU A 689 -20.22 3.86 5.41
N LEU A 690 -19.11 4.49 5.82
CA LEU A 690 -17.82 3.76 5.87
C LEU A 690 -17.46 3.59 7.35
N PHE A 691 -16.91 4.63 7.97
CA PHE A 691 -16.65 4.59 9.41
C PHE A 691 -16.63 6.01 9.94
N GLN A 692 -17.28 6.22 11.08
CA GLN A 692 -17.32 7.54 11.70
C GLN A 692 -16.06 7.86 12.49
N ASN A 693 -15.32 6.84 12.92
CA ASN A 693 -14.09 7.03 13.71
C ASN A 693 -12.95 6.30 13.04
N ASN A 694 -11.81 6.98 12.91
CA ASN A 694 -10.60 6.42 12.32
C ASN A 694 -9.59 6.20 13.44
N GLU A 695 -9.31 4.94 13.75
CA GLU A 695 -8.41 4.58 14.84
C GLU A 695 -7.06 4.18 14.28
N ILE A 696 -6.00 4.83 14.77
CA ILE A 696 -4.64 4.59 14.30
C ILE A 696 -3.73 4.48 15.52
N ILE A 697 -2.85 3.48 15.52
CA ILE A 697 -1.85 3.31 16.57
C ILE A 697 -0.58 4.05 16.18
N PHE A 698 -0.04 4.84 17.09
CA PHE A 698 1.22 5.54 16.90
C PHE A 698 2.27 4.92 17.82
N LYS A 699 3.31 4.34 17.23
CA LYS A 699 4.37 3.67 17.99
C LYS A 699 5.64 4.50 17.92
N ASN A 700 6.30 4.63 19.07
CA ASN A 700 7.57 5.36 19.19
C ASN A 700 8.51 4.50 20.02
N GLY A 701 9.36 3.72 19.35
CA GLY A 701 10.31 2.89 20.05
C GLY A 701 10.81 1.71 19.25
N ASP A 702 9.93 1.06 18.51
CA ASP A 702 10.29 -0.12 17.72
C ASP A 702 10.54 0.24 16.27
N ASP A 703 11.43 -0.50 15.64
CA ASP A 703 11.71 -0.34 14.21
C ASP A 703 10.61 -1.02 13.41
N LEU A 704 9.91 -0.25 12.59
CA LEU A 704 8.78 -0.76 11.82
C LEU A 704 9.13 -1.05 10.37
N ARG A 705 10.41 -0.99 10.00
CA ARG A 705 10.79 -1.24 8.63
C ARG A 705 10.58 -2.72 8.26
N GLN A 706 10.84 -3.62 9.19
CA GLN A 706 10.63 -5.04 8.90
C GLN A 706 9.15 -5.39 8.86
N ASP A 707 8.35 -4.76 9.72
CA ASP A 707 6.90 -5.00 9.68
C ASP A 707 6.31 -4.53 8.36
N MET A 708 6.83 -3.44 7.80
CA MET A 708 6.37 -2.99 6.49
C MET A 708 6.66 -4.05 5.43
N LEU A 709 7.90 -4.55 5.40
CA LEU A 709 8.29 -5.52 4.38
C LEU A 709 7.46 -6.79 4.46
N THR A 710 7.27 -7.32 5.67
CA THR A 710 6.48 -8.53 5.84
C THR A 710 5.04 -8.33 5.38
N LEU A 711 4.42 -7.21 5.82
CA LEU A 711 3.05 -6.93 5.42
C LEU A 711 2.95 -6.71 3.92
N GLN A 712 3.99 -6.15 3.29
CA GLN A 712 3.99 -6.01 1.84
C GLN A 712 4.05 -7.37 1.16
N ILE A 713 4.90 -8.26 1.66
CA ILE A 713 5.02 -9.59 1.05
C ILE A 713 3.74 -10.39 1.25
N ILE A 714 3.14 -10.30 2.45
CA ILE A 714 1.86 -10.96 2.69
C ILE A 714 0.82 -10.45 1.70
N ARG A 715 0.83 -9.15 1.41
CA ARG A 715 -0.10 -8.60 0.43
C ARG A 715 0.16 -9.18 -0.96
N ILE A 716 1.43 -9.37 -1.32
CA ILE A 716 1.77 -9.94 -2.62
C ILE A 716 1.39 -11.41 -2.68
N MET A 717 1.64 -12.15 -1.59
CA MET A 717 1.26 -13.55 -1.55
C MET A 717 -0.24 -13.73 -1.75
N GLU A 718 -1.04 -12.88 -1.11
CA GLU A 718 -2.49 -12.97 -1.26
C GLU A 718 -2.90 -12.67 -2.70
N ASN A 719 -2.22 -11.74 -3.36
CA ASN A 719 -2.55 -11.42 -4.74
C ASN A 719 -2.22 -12.57 -5.67
N ILE A 720 -1.12 -13.28 -5.40
CA ILE A 720 -0.77 -14.45 -6.20
C ILE A 720 -1.81 -15.56 -6.01
N TRP A 721 -2.25 -15.78 -4.78
CA TRP A 721 -3.20 -16.84 -4.51
C TRP A 721 -4.57 -16.54 -5.10
N GLN A 722 -4.99 -15.27 -5.04
CA GLN A 722 -6.31 -14.90 -5.56
C GLN A 722 -6.36 -15.01 -7.07
N ASN A 723 -5.26 -14.66 -7.75
CA ASN A 723 -5.26 -14.62 -9.22
C ASN A 723 -5.24 -16.00 -9.86
N GLN A 724 -5.05 -17.07 -9.08
CA GLN A 724 -5.02 -18.41 -9.65
C GLN A 724 -5.95 -19.38 -8.91
N GLY A 725 -7.01 -18.86 -8.30
CA GLY A 725 -8.07 -19.71 -7.80
C GLY A 725 -8.17 -19.85 -6.30
N LEU A 726 -7.04 -19.89 -5.60
CA LEU A 726 -7.03 -20.17 -4.17
C LEU A 726 -7.57 -18.97 -3.40
N ASP A 727 -8.73 -19.13 -2.76
CA ASP A 727 -9.33 -18.08 -1.94
C ASP A 727 -8.77 -18.19 -0.53
N LEU A 728 -7.60 -17.59 -0.32
CA LEU A 728 -6.95 -17.54 0.98
C LEU A 728 -6.89 -16.08 1.40
N ARG A 729 -7.83 -15.68 2.25
CA ARG A 729 -7.92 -14.28 2.68
C ARG A 729 -6.85 -13.99 3.71
N MET A 730 -6.02 -13.00 3.43
CA MET A 730 -5.01 -12.52 4.36
C MET A 730 -5.48 -11.19 4.96
N LEU A 731 -4.62 -10.57 5.75
CA LEU A 731 -4.93 -9.26 6.35
C LEU A 731 -3.63 -8.47 6.51
N PRO A 732 -3.13 -7.89 5.42
CA PRO A 732 -1.94 -7.02 5.51
C PRO A 732 -2.32 -5.59 5.91
N TYR A 733 -2.54 -5.39 7.20
CA TYR A 733 -2.95 -4.09 7.70
C TYR A 733 -1.91 -3.03 7.42
N GLY A 734 -2.36 -1.78 7.36
CA GLY A 734 -1.46 -0.70 7.03
C GLY A 734 -0.38 -0.50 8.07
N CYS A 735 0.80 -0.10 7.59
CA CYS A 735 1.94 0.19 8.46
C CYS A 735 2.92 1.06 7.70
N LEU A 736 3.31 2.17 8.30
CA LEU A 736 4.19 3.13 7.64
C LEU A 736 5.20 3.67 8.64
N SER A 737 6.48 3.57 8.30
CA SER A 737 7.54 4.16 9.09
C SER A 737 7.75 5.60 8.66
N ILE A 738 7.72 6.52 9.62
CA ILE A 738 7.86 7.95 9.36
C ILE A 738 9.18 8.50 9.87
N GLY A 739 10.03 7.66 10.45
CA GLY A 739 11.31 8.14 10.95
C GLY A 739 12.03 7.05 11.71
N ASP A 740 12.97 7.51 12.55
CA ASP A 740 13.81 6.57 13.36
C ASP A 740 12.94 5.86 14.39
N CYS A 741 12.51 4.65 14.07
CA CYS A 741 11.75 3.81 15.00
C CYS A 741 10.44 4.47 15.44
N VAL A 742 9.83 5.21 14.51
CA VAL A 742 8.50 5.85 14.77
C VAL A 742 7.64 5.55 13.54
N GLY A 743 6.36 5.25 13.74
CA GLY A 743 5.48 4.97 12.62
C GLY A 743 4.06 4.71 13.07
N LEU A 744 3.19 4.52 12.09
CA LEU A 744 1.76 4.34 12.30
C LEU A 744 1.37 2.89 11.99
N ILE A 745 0.38 2.39 12.74
CA ILE A 745 -0.12 1.03 12.57
C ILE A 745 -1.63 1.09 12.48
N GLU A 746 -2.19 0.46 11.44
CA GLU A 746 -3.63 0.43 11.28
C GLU A 746 -4.28 -0.43 12.36
N VAL A 747 -5.40 0.05 12.89
CA VAL A 747 -6.21 -0.71 13.84
C VAL A 747 -7.19 -1.55 13.05
N VAL A 748 -7.18 -2.86 13.31
CA VAL A 748 -8.15 -3.77 12.71
C VAL A 748 -9.32 -3.95 13.66
N ARG A 749 -10.54 -3.82 13.15
CA ARG A 749 -11.73 -3.77 13.96
C ARG A 749 -12.25 -5.17 14.27
N ASN A 750 -12.87 -5.31 15.44
CA ASN A 750 -13.54 -6.54 15.85
C ASN A 750 -12.59 -7.74 15.84
N SER A 751 -11.36 -7.52 16.32
CA SER A 751 -10.34 -8.55 16.35
C SER A 751 -9.93 -8.83 17.79
N HIS A 752 -9.76 -10.11 18.10
CA HIS A 752 -9.48 -10.55 19.46
C HIS A 752 -8.30 -11.51 19.45
N THR A 753 -7.30 -11.23 20.28
CA THR A 753 -6.21 -12.16 20.50
C THR A 753 -6.76 -13.46 21.07
N ILE A 754 -6.26 -14.59 20.55
CA ILE A 754 -6.78 -15.89 20.98
C ILE A 754 -6.51 -16.15 22.45
N MET A 755 -5.56 -15.43 23.06
CA MET A 755 -5.47 -15.43 24.51
C MET A 755 -6.67 -14.75 25.13
N GLN A 756 -7.01 -13.55 24.64
CA GLN A 756 -8.23 -12.87 25.06
C GLN A 756 -9.48 -13.72 24.82
N ILE A 757 -9.38 -14.73 23.95
CA ILE A 757 -10.47 -15.70 23.80
C ILE A 757 -10.40 -16.72 24.93
N GLN A 758 -9.22 -17.28 25.19
CA GLN A 758 -9.07 -18.24 26.28
C GLN A 758 -9.13 -17.55 27.64
N CYS A 759 -8.73 -16.27 27.71
CA CYS A 759 -8.66 -15.53 29.00
C CYS A 759 -10.07 -15.18 29.46
N LYS A 760 -10.94 -14.82 28.54
CA LYS A 760 -12.34 -14.59 28.96
C LYS A 760 -12.84 -15.91 29.51
N GLY A 761 -12.52 -17.00 28.81
CA GLY A 761 -12.97 -18.32 29.23
C GLY A 761 -11.91 -19.00 30.07
N LEU A 767 -10.61 -20.17 35.42
CA LEU A 767 -10.70 -19.50 34.10
C LEU A 767 -9.33 -19.60 33.43
N GLN A 768 -8.91 -20.81 33.03
CA GLN A 768 -7.54 -20.95 32.47
C GLN A 768 -7.55 -21.73 31.14
N PHE A 769 -6.40 -21.90 30.48
CA PHE A 769 -6.28 -22.55 29.12
C PHE A 769 -7.00 -23.90 28.93
N ASN A 770 -7.71 -24.07 27.81
CA ASN A 770 -8.42 -25.33 27.43
C ASN A 770 -8.31 -25.48 25.92
N SER A 771 -8.51 -26.67 25.33
CA SER A 771 -8.26 -26.85 23.88
C SER A 771 -9.52 -26.86 23.00
N HIS A 772 -10.68 -26.51 23.55
CA HIS A 772 -11.91 -26.46 22.77
C HIS A 772 -12.60 -25.10 22.83
N THR A 773 -11.97 -24.11 23.46
CA THR A 773 -12.61 -22.81 23.62
C THR A 773 -12.68 -22.03 22.31
N LEU A 774 -11.72 -22.26 21.40
CA LEU A 774 -11.69 -21.50 20.16
C LEU A 774 -12.89 -21.82 19.27
N HIS A 775 -13.31 -23.09 19.26
CA HIS A 775 -14.47 -23.48 18.45
C HIS A 775 -15.77 -23.01 19.08
N GLN A 776 -15.80 -22.80 20.40
CA GLN A 776 -17.03 -22.39 21.06
C GLN A 776 -17.29 -20.89 20.86
N TRP A 777 -16.27 -20.06 21.06
CA TRP A 777 -16.45 -18.62 20.85
C TRP A 777 -16.77 -18.32 19.39
N LEU A 778 -16.14 -19.03 18.46
CA LEU A 778 -16.46 -18.85 17.05
C LEU A 778 -17.90 -19.26 16.75
N LYS A 779 -18.44 -20.18 17.55
CA LYS A 779 -19.84 -20.56 17.39
C LYS A 779 -20.78 -19.61 18.14
N ASP A 780 -20.33 -19.09 19.28
CA ASP A 780 -21.14 -18.12 20.02
C ASP A 780 -21.28 -16.80 19.27
N LYS A 781 -20.35 -16.49 18.36
CA LYS A 781 -20.45 -15.30 17.53
C LYS A 781 -20.94 -15.61 16.12
N ASN A 782 -21.09 -16.90 15.77
CA ASN A 782 -21.58 -17.31 14.46
C ASN A 782 -22.49 -18.51 14.67
N LYS A 783 -23.79 -18.29 14.70
CA LYS A 783 -24.77 -19.31 15.03
C LYS A 783 -25.65 -19.63 13.83
N GLY A 784 -26.02 -20.90 13.70
CA GLY A 784 -26.97 -21.30 12.67
C GLY A 784 -26.31 -21.42 11.31
N GLU A 785 -26.95 -20.81 10.31
CA GLU A 785 -26.44 -20.88 8.94
C GLU A 785 -25.10 -20.19 8.80
N ILE A 786 -24.88 -19.12 9.56
CA ILE A 786 -23.64 -18.33 9.44
C ILE A 786 -22.42 -19.13 9.91
N TYR A 787 -22.63 -20.20 10.70
CA TYR A 787 -21.51 -20.93 11.28
C TYR A 787 -20.62 -21.56 10.22
N ASP A 788 -21.21 -22.20 9.21
CA ASP A 788 -20.41 -22.91 8.21
C ASP A 788 -19.49 -21.96 7.45
N ALA A 789 -19.95 -20.74 7.18
CA ALA A 789 -19.11 -19.78 6.47
C ALA A 789 -17.95 -19.31 7.34
N ALA A 790 -18.16 -19.19 8.65
CA ALA A 790 -17.08 -18.76 9.53
C ALA A 790 -15.99 -19.83 9.63
N ILE A 791 -16.38 -21.10 9.72
CA ILE A 791 -15.40 -22.19 9.68
C ILE A 791 -14.69 -22.21 8.33
N ASP A 792 -15.40 -21.86 7.25
CA ASP A 792 -14.77 -21.78 5.94
C ASP A 792 -13.71 -20.68 5.91
N LEU A 793 -14.06 -19.47 6.34
CA LEU A 793 -13.10 -18.37 6.32
C LEU A 793 -11.93 -18.63 7.27
N PHE A 794 -12.17 -19.33 8.38
CA PHE A 794 -11.10 -19.58 9.33
C PHE A 794 -10.04 -20.50 8.75
N THR A 795 -10.45 -21.64 8.19
CA THR A 795 -9.50 -22.62 7.68
C THR A 795 -8.74 -22.09 6.46
N ARG A 796 -9.32 -21.14 5.71
CA ARG A 796 -8.62 -20.57 4.57
C ARG A 796 -7.57 -19.56 5.02
N SER A 797 -7.93 -18.65 5.91
CA SER A 797 -6.98 -17.67 6.42
C SER A 797 -5.89 -18.35 7.25
N CYS A 798 -6.23 -19.42 7.98
CA CYS A 798 -5.22 -20.15 8.74
C CYS A 798 -4.23 -20.84 7.81
N ALA A 799 -4.73 -21.41 6.71
CA ALA A 799 -3.84 -22.04 5.74
C ALA A 799 -2.91 -21.01 5.11
N GLY A 800 -3.44 -19.84 4.76
CA GLY A 800 -2.62 -18.82 4.14
C GLY A 800 -1.53 -18.28 5.07
N TYR A 801 -1.79 -18.29 6.37
CA TYR A 801 -0.80 -17.82 7.34
C TYR A 801 0.13 -18.92 7.82
N CYS A 802 -0.28 -20.19 7.75
CA CYS A 802 0.66 -21.28 7.98
C CYS A 802 1.74 -21.30 6.90
N VAL A 803 1.33 -21.10 5.65
CA VAL A 803 2.29 -21.10 4.55
C VAL A 803 3.14 -19.84 4.57
N ALA A 804 2.53 -18.69 4.86
CA ALA A 804 3.26 -17.43 4.85
C ALA A 804 4.33 -17.39 5.94
N THR A 805 3.95 -17.76 7.16
CA THR A 805 4.89 -17.72 8.28
C THR A 805 5.97 -18.79 8.16
N PHE A 806 5.72 -19.87 7.42
CA PHE A 806 6.75 -20.89 7.23
C PHE A 806 7.74 -20.48 6.15
N ILE A 807 7.24 -19.99 5.01
CA ILE A 807 8.13 -19.56 3.92
C ILE A 807 9.00 -18.40 4.39
N LEU A 808 8.38 -17.37 4.95
CA LEU A 808 9.14 -16.23 5.46
C LEU A 808 9.89 -16.57 6.74
N GLY A 809 9.53 -17.67 7.40
CA GLY A 809 10.23 -18.07 8.61
C GLY A 809 10.12 -17.08 9.74
N ILE A 810 8.98 -16.39 9.87
CA ILE A 810 8.80 -15.49 11.00
C ILE A 810 8.79 -16.31 12.28
N GLY A 811 9.31 -15.70 13.36
CA GLY A 811 9.54 -16.41 14.60
C GLY A 811 8.71 -15.85 15.74
N ASP A 812 8.84 -16.53 16.89
CA ASP A 812 8.19 -16.13 18.14
C ASP A 812 6.67 -16.08 18.01
N ARG A 813 6.11 -16.98 17.21
CA ARG A 813 4.66 -17.09 17.08
C ARG A 813 4.09 -17.70 18.35
N HIS A 814 3.28 -16.93 19.09
CA HIS A 814 2.63 -17.40 20.29
C HIS A 814 1.16 -16.98 20.25
N ASN A 815 0.44 -17.33 21.32
CA ASN A 815 -1.00 -17.05 21.37
C ASN A 815 -1.31 -15.56 21.38
N SER A 816 -0.38 -14.71 21.80
CA SER A 816 -0.60 -13.27 21.78
C SER A 816 -0.24 -12.63 20.44
N ASN A 817 0.35 -13.38 19.52
CA ASN A 817 0.65 -12.87 18.19
C ASN A 817 -0.44 -13.17 17.17
N ILE A 818 -1.35 -14.09 17.49
CA ILE A 818 -2.37 -14.55 16.56
C ILE A 818 -3.70 -13.98 16.99
N MET A 819 -4.42 -13.36 16.06
CA MET A 819 -5.71 -12.74 16.34
C MET A 819 -6.78 -13.31 15.40
N VAL A 820 -8.02 -13.24 15.87
CA VAL A 820 -9.18 -13.72 15.11
C VAL A 820 -10.23 -12.62 15.09
N LYS A 821 -10.84 -12.40 13.92
CA LYS A 821 -11.96 -11.48 13.82
C LYS A 821 -13.25 -12.18 14.25
N ASP A 822 -14.36 -11.42 14.22
CA ASP A 822 -15.64 -11.99 14.64
C ASP A 822 -16.12 -13.05 13.67
N ASP A 823 -16.02 -12.79 12.36
CA ASP A 823 -16.48 -13.74 11.36
C ASP A 823 -15.52 -14.90 11.13
N GLY A 824 -14.39 -14.93 11.83
CA GLY A 824 -13.47 -16.04 11.77
C GLY A 824 -12.19 -15.81 10.99
N GLN A 825 -11.92 -14.59 10.54
CA GLN A 825 -10.70 -14.31 9.79
C GLN A 825 -9.50 -14.33 10.73
N LEU A 826 -8.60 -15.28 10.51
CA LEU A 826 -7.38 -15.39 11.30
C LEU A 826 -6.26 -14.60 10.63
N PHE A 827 -5.42 -13.97 11.45
CA PHE A 827 -4.27 -13.24 10.94
C PHE A 827 -3.24 -13.11 12.05
N HIS A 828 -2.06 -12.61 11.68
CA HIS A 828 -0.93 -12.48 12.59
C HIS A 828 -0.53 -11.02 12.70
N ILE A 829 0.10 -10.68 13.83
CA ILE A 829 0.59 -9.35 14.11
C ILE A 829 2.02 -9.45 14.63
N ASP A 830 2.66 -8.28 14.79
CA ASP A 830 4.00 -8.18 15.36
C ASP A 830 5.01 -9.01 14.58
N PHE A 831 5.45 -8.52 13.43
CA PHE A 831 6.44 -9.21 12.60
C PHE A 831 7.82 -8.60 12.83
N GLY A 832 8.33 -8.80 14.03
CA GLY A 832 9.61 -8.23 14.41
C GLY A 832 10.80 -8.94 13.80
N HIS A 833 10.75 -10.27 13.75
CA HIS A 833 11.88 -11.08 13.31
C HIS A 833 11.42 -12.09 12.26
N PHE A 834 12.17 -12.18 11.17
CA PHE A 834 11.95 -13.22 10.16
C PHE A 834 13.30 -13.74 9.70
N LEU A 835 13.25 -14.88 9.00
CA LEU A 835 14.44 -15.54 8.46
C LEU A 835 15.44 -15.96 9.53
N ASP A 836 14.98 -16.17 10.76
CA ASP A 836 15.87 -16.51 11.86
C ASP A 836 16.48 -17.90 11.67
N PHE A 851 6.51 -23.40 10.84
CA PHE A 851 6.15 -24.78 11.20
C PHE A 851 5.07 -24.71 12.28
N VAL A 852 3.92 -24.07 12.00
CA VAL A 852 2.90 -23.84 13.06
C VAL A 852 1.57 -24.56 12.77
N LEU A 853 1.02 -25.27 13.76
CA LEU A 853 -0.30 -25.94 13.64
C LEU A 853 -0.63 -26.42 15.06
N THR A 854 -1.80 -26.10 15.56
CA THR A 854 -2.09 -26.34 17.00
C THR A 854 -3.40 -27.13 17.14
N GLN A 855 -3.48 -27.98 18.15
CA GLN A 855 -4.70 -28.78 18.25
C GLN A 855 -5.94 -27.90 18.33
N ASP A 856 -5.80 -26.71 18.92
CA ASP A 856 -6.93 -25.79 19.01
C ASP A 856 -7.41 -25.35 17.63
N PHE A 857 -6.47 -25.08 16.72
CA PHE A 857 -6.85 -24.69 15.36
C PHE A 857 -7.49 -25.86 14.61
N LEU A 858 -6.89 -27.05 14.71
CA LEU A 858 -7.38 -28.20 13.96
C LEU A 858 -8.79 -28.59 14.40
N ILE A 859 -9.11 -28.41 15.68
CA ILE A 859 -10.46 -28.72 16.14
C ILE A 859 -11.47 -27.80 15.46
N VAL A 860 -11.12 -26.51 15.29
CA VAL A 860 -12.00 -25.60 14.59
C VAL A 860 -12.07 -25.95 13.11
N ILE A 861 -10.98 -26.43 12.53
CA ILE A 861 -10.96 -26.77 11.11
C ILE A 861 -11.84 -27.98 10.84
N SER A 862 -11.76 -29.00 11.70
CA SER A 862 -12.57 -30.20 11.56
C SER A 862 -13.94 -30.07 12.23
N LYS A 863 -14.34 -28.84 12.59
CA LYS A 863 -15.68 -28.57 13.11
C LYS A 863 -15.96 -29.35 14.39
N GLY A 864 -14.98 -29.41 15.29
CA GLY A 864 -15.18 -29.94 16.62
C GLY A 864 -14.97 -31.43 16.79
N ALA A 865 -14.64 -32.15 15.72
CA ALA A 865 -14.43 -33.58 15.84
C ALA A 865 -13.17 -33.87 16.66
N GLN A 866 -13.09 -35.11 17.16
CA GLN A 866 -11.94 -35.51 17.97
C GLN A 866 -10.76 -35.91 17.09
N GLU A 867 -10.98 -36.87 16.19
CA GLU A 867 -9.94 -37.30 15.25
C GLU A 867 -9.90 -36.32 14.08
N CYS A 868 -9.37 -35.13 14.37
CA CYS A 868 -9.39 -34.04 13.40
C CYS A 868 -8.45 -34.30 12.22
N THR A 869 -7.35 -35.02 12.44
CA THR A 869 -6.39 -35.26 11.36
C THR A 869 -6.96 -36.19 10.29
N LYS A 870 -7.83 -37.11 10.68
CA LYS A 870 -8.45 -38.04 9.73
C LYS A 870 -9.87 -37.60 9.40
N THR A 871 -9.99 -36.39 8.84
CA THR A 871 -11.26 -35.79 8.52
C THR A 871 -11.23 -35.27 7.09
N ARG A 872 -12.37 -35.38 6.39
CA ARG A 872 -12.47 -34.84 5.04
C ARG A 872 -12.27 -33.33 5.03
N GLU A 873 -12.64 -32.66 6.11
CA GLU A 873 -12.38 -31.21 6.21
C GLU A 873 -10.90 -30.93 6.24
N PHE A 874 -10.13 -31.71 7.02
CA PHE A 874 -8.70 -31.50 7.10
C PHE A 874 -7.99 -31.82 5.80
N GLU A 875 -8.49 -32.80 5.04
CA GLU A 875 -7.88 -33.13 3.76
C GLU A 875 -8.02 -31.98 2.77
N ARG A 876 -9.16 -31.29 2.81
CA ARG A 876 -9.31 -30.08 1.99
C ARG A 876 -8.41 -28.96 2.48
N PHE A 877 -8.12 -28.93 3.79
CA PHE A 877 -7.30 -27.86 4.34
C PHE A 877 -5.86 -27.95 3.85
N GLN A 878 -5.21 -29.09 4.09
CA GLN A 878 -3.81 -29.24 3.67
C GLN A 878 -3.65 -29.21 2.16
N GLU A 879 -4.70 -29.53 1.40
CA GLU A 879 -4.65 -29.37 -0.05
C GLU A 879 -4.52 -27.90 -0.42
N MET A 880 -5.08 -27.01 0.39
CA MET A 880 -4.91 -25.57 0.14
C MET A 880 -3.48 -25.13 0.43
N CYS A 881 -2.87 -25.68 1.48
CA CYS A 881 -1.50 -25.33 1.80
C CYS A 881 -0.54 -25.81 0.71
N TYR A 882 -0.79 -26.99 0.14
CA TYR A 882 0.08 -27.52 -0.90
C TYR A 882 0.00 -26.66 -2.15
N LYS A 883 -1.22 -26.27 -2.56
CA LYS A 883 -1.37 -25.41 -3.73
C LYS A 883 -0.82 -24.01 -3.47
N ALA A 884 -0.96 -23.50 -2.24
CA ALA A 884 -0.48 -22.17 -1.93
C ALA A 884 1.04 -22.13 -1.79
N TYR A 885 1.63 -23.17 -1.20
CA TYR A 885 3.08 -23.23 -1.08
C TYR A 885 3.74 -23.27 -2.45
N LEU A 886 3.25 -24.13 -3.35
CA LEU A 886 3.81 -24.17 -4.69
C LEU A 886 3.54 -22.90 -5.47
N ALA A 887 2.42 -22.23 -5.19
CA ALA A 887 2.14 -20.96 -5.87
C ALA A 887 3.19 -19.91 -5.53
N ILE A 888 3.65 -19.88 -4.29
CA ILE A 888 4.69 -18.95 -3.90
C ILE A 888 6.04 -19.38 -4.47
N ARG A 889 6.28 -20.69 -4.54
CA ARG A 889 7.54 -21.19 -5.07
C ARG A 889 7.70 -20.86 -6.56
N GLN A 890 6.58 -20.81 -7.30
CA GLN A 890 6.66 -20.46 -8.71
C GLN A 890 7.02 -19.00 -8.91
N HIS A 891 6.72 -18.14 -7.94
CA HIS A 891 7.12 -16.74 -7.96
C HIS A 891 8.29 -16.47 -7.03
N ALA A 892 9.15 -17.47 -6.81
CA ALA A 892 10.23 -17.34 -5.83
C ALA A 892 11.21 -16.24 -6.23
N ASN A 893 11.45 -16.08 -7.54
CA ASN A 893 12.38 -15.06 -8.00
C ASN A 893 11.93 -13.66 -7.59
N LEU A 894 10.62 -13.42 -7.57
CA LEU A 894 10.11 -12.11 -7.19
C LEU A 894 10.43 -11.79 -5.73
N PHE A 895 10.15 -12.73 -4.83
CA PHE A 895 10.36 -12.48 -3.41
C PHE A 895 11.84 -12.38 -3.08
N ILE A 896 12.70 -13.15 -3.75
CA ILE A 896 14.14 -13.02 -3.54
C ILE A 896 14.62 -11.65 -3.99
N ASN A 897 14.05 -11.14 -5.08
CA ASN A 897 14.44 -9.81 -5.56
C ASN A 897 14.06 -8.73 -4.54
N LEU A 898 12.86 -8.81 -3.98
CA LEU A 898 12.42 -7.81 -3.02
C LEU A 898 13.33 -7.79 -1.79
N PHE A 899 13.73 -8.96 -1.31
CA PHE A 899 14.64 -9.01 -0.17
C PHE A 899 16.02 -8.45 -0.52
N SER A 900 16.54 -8.80 -1.70
CA SER A 900 17.88 -8.37 -2.08
C SER A 900 17.93 -6.87 -2.36
N MET A 901 16.82 -6.29 -2.84
CA MET A 901 16.78 -4.84 -3.03
C MET A 901 16.78 -4.09 -1.71
N MET A 902 16.39 -4.74 -0.62
CA MET A 902 16.32 -4.12 0.70
C MET A 902 17.62 -4.26 1.49
N LEU A 903 18.69 -4.76 0.87
CA LEU A 903 19.95 -4.89 1.58
C LEU A 903 20.61 -3.54 1.82
N GLY A 904 20.34 -2.55 0.97
CA GLY A 904 20.92 -1.23 1.17
C GLY A 904 20.41 -0.56 2.43
N SER A 905 19.24 -0.98 2.91
CA SER A 905 18.72 -0.46 4.16
C SER A 905 19.54 -0.99 5.34
N GLY A 906 19.33 -0.37 6.50
CA GLY A 906 20.04 -0.77 7.69
C GLY A 906 19.24 -1.71 8.57
N MET A 907 18.44 -2.58 7.95
CA MET A 907 17.63 -3.51 8.71
C MET A 907 18.51 -4.58 9.35
N PRO A 908 18.22 -4.97 10.60
CA PRO A 908 19.09 -5.94 11.27
C PRO A 908 19.03 -7.34 10.67
N GLU A 909 17.85 -7.77 10.24
CA GLU A 909 17.67 -9.11 9.70
C GLU A 909 17.95 -9.20 8.21
N LEU A 910 18.55 -8.16 7.61
CA LEU A 910 18.85 -8.16 6.18
C LEU A 910 20.15 -7.38 5.98
N GLN A 911 21.28 -8.05 6.26
CA GLN A 911 22.59 -7.46 6.06
C GLN A 911 23.42 -8.15 4.99
N SER A 912 23.15 -9.43 4.70
CA SER A 912 23.88 -10.18 3.70
C SER A 912 22.93 -11.09 2.96
N PHE A 913 23.41 -11.66 1.85
CA PHE A 913 22.60 -12.59 1.08
C PHE A 913 22.34 -13.89 1.83
N ASP A 914 23.18 -14.23 2.82
CA ASP A 914 22.97 -15.46 3.58
C ASP A 914 21.72 -15.38 4.44
N ASP A 915 21.30 -14.18 4.82
CA ASP A 915 20.00 -14.02 5.47
C ASP A 915 18.87 -14.33 4.51
N ILE A 916 19.00 -13.91 3.25
CA ILE A 916 17.98 -14.19 2.24
C ILE A 916 17.99 -15.66 1.86
N ALA A 917 19.13 -16.34 2.01
CA ALA A 917 19.24 -17.75 1.63
C ALA A 917 18.34 -18.66 2.48
N TYR A 918 17.69 -18.12 3.51
CA TYR A 918 16.80 -18.94 4.32
C TYR A 918 15.57 -19.38 3.52
N ILE A 919 15.02 -18.48 2.69
CA ILE A 919 13.85 -18.83 1.90
C ILE A 919 14.18 -19.78 0.77
N ARG A 920 15.46 -19.94 0.42
CA ARG A 920 15.82 -20.99 -0.52
C ARG A 920 15.61 -22.37 0.07
N LYS A 921 15.79 -22.50 1.39
CA LYS A 921 15.56 -23.78 2.05
C LYS A 921 14.07 -24.06 2.23
N THR A 922 13.30 -23.06 2.65
CA THR A 922 11.87 -23.27 2.87
C THR A 922 11.15 -23.48 1.54
N LEU A 923 11.57 -22.80 0.49
CA LEU A 923 11.02 -23.01 -0.84
C LEU A 923 11.67 -24.16 -1.59
N ALA A 924 12.77 -24.72 -1.06
CA ALA A 924 13.46 -25.87 -1.64
C ALA A 924 13.78 -25.63 -3.11
N LEU A 925 14.51 -24.55 -3.36
CA LEU A 925 14.77 -24.13 -4.74
C LEU A 925 15.82 -24.99 -5.43
N ASP A 926 16.74 -25.59 -4.66
CA ASP A 926 17.76 -26.44 -5.25
C ASP A 926 17.24 -27.83 -5.61
N LYS A 927 16.08 -28.22 -5.10
CA LYS A 927 15.48 -29.51 -5.37
C LYS A 927 14.45 -29.36 -6.48
N THR A 928 13.65 -30.39 -6.70
CA THR A 928 12.60 -30.34 -7.71
C THR A 928 11.29 -29.88 -7.08
N GLU A 929 10.36 -29.45 -7.94
CA GLU A 929 9.07 -28.98 -7.45
C GLU A 929 8.32 -30.08 -6.70
N GLN A 930 8.35 -31.31 -7.23
CA GLN A 930 7.77 -32.43 -6.50
C GLN A 930 8.56 -32.71 -5.23
N GLU A 931 9.90 -32.75 -5.33
CA GLU A 931 10.73 -32.94 -4.15
C GLU A 931 10.54 -31.82 -3.14
N ALA A 932 10.18 -30.62 -3.61
CA ALA A 932 9.82 -29.55 -2.70
C ALA A 932 8.49 -29.84 -2.01
N LEU A 933 7.52 -30.34 -2.75
CA LEU A 933 6.22 -30.69 -2.12
C LEU A 933 6.46 -31.81 -1.10
N GLU A 934 7.20 -32.84 -1.48
CA GLU A 934 7.54 -33.89 -0.52
C GLU A 934 8.19 -33.29 0.73
N TYR A 935 9.02 -32.26 0.54
CA TYR A 935 9.67 -31.61 1.67
C TYR A 935 8.65 -30.86 2.53
N PHE A 936 7.71 -30.17 1.88
CA PHE A 936 6.75 -29.36 2.63
C PHE A 936 5.75 -30.23 3.40
N MET A 937 5.30 -31.32 2.78
CA MET A 937 4.32 -32.19 3.44
C MET A 937 4.93 -32.83 4.69
N LYS A 938 6.20 -33.23 4.63
CA LYS A 938 6.84 -33.81 5.80
C LYS A 938 7.10 -32.75 6.87
N GLN A 939 7.43 -31.53 6.46
CA GLN A 939 7.71 -30.47 7.41
C GLN A 939 6.45 -29.95 8.09
N MET A 940 5.30 -30.08 7.42
CA MET A 940 4.04 -29.54 7.93
C MET A 940 3.08 -30.61 8.41
N ASN A 941 3.57 -31.83 8.47
CA ASN A 941 2.73 -32.93 9.00
C ASN A 941 3.52 -33.59 10.13
N ASP A 942 4.69 -33.04 10.48
CA ASP A 942 5.44 -33.57 11.64
C ASP A 942 4.55 -33.43 12.86
N ALA A 943 4.04 -34.54 13.42
CA ALA A 943 3.05 -34.47 14.52
C ALA A 943 1.80 -33.76 14.00
N HIS A 944 1.35 -32.71 14.68
CA HIS A 944 0.20 -31.93 14.18
C HIS A 944 -0.85 -32.87 13.60
N MET B 2 -37.81 19.86 15.58
CA MET B 2 -37.07 19.23 14.49
C MET B 2 -37.25 17.71 14.51
N THR B 3 -38.46 17.28 14.83
CA THR B 3 -38.75 15.84 14.92
C THR B 3 -38.66 15.20 13.55
N GLU B 4 -38.00 14.04 13.49
CA GLU B 4 -37.87 13.25 12.27
C GLU B 4 -38.53 11.90 12.49
N TYR B 5 -39.40 11.51 11.57
CA TYR B 5 -40.11 10.23 11.63
C TYR B 5 -39.61 9.33 10.51
N LYS B 6 -39.17 8.13 10.89
CA LYS B 6 -38.60 7.16 9.95
C LYS B 6 -39.71 6.18 9.55
N LEU B 7 -40.25 6.37 8.37
CA LEU B 7 -41.31 5.51 7.84
C LEU B 7 -40.75 4.54 6.81
N VAL B 8 -41.36 3.35 6.77
CA VAL B 8 -40.96 2.29 5.83
C VAL B 8 -42.23 1.79 5.15
N VAL B 9 -42.24 1.85 3.82
CA VAL B 9 -43.36 1.37 3.03
C VAL B 9 -43.03 -0.04 2.54
N VAL B 10 -43.81 -1.01 2.99
CA VAL B 10 -43.58 -2.41 2.65
C VAL B 10 -44.81 -2.96 1.93
N GLY B 11 -44.59 -4.05 1.21
CA GLY B 11 -45.66 -4.70 0.48
C GLY B 11 -45.11 -5.58 -0.61
N ALA B 12 -46.03 -6.23 -1.32
CA ALA B 12 -45.67 -7.11 -2.42
C ALA B 12 -45.33 -6.31 -3.67
N GLY B 13 -44.88 -7.01 -4.70
CA GLY B 13 -44.50 -6.35 -5.93
C GLY B 13 -45.70 -5.91 -6.74
N GLY B 14 -45.61 -4.70 -7.28
CA GLY B 14 -46.65 -4.17 -8.13
C GLY B 14 -47.86 -3.59 -7.42
N VAL B 15 -47.86 -3.57 -6.08
CA VAL B 15 -49.00 -3.04 -5.34
C VAL B 15 -49.07 -1.52 -5.37
N GLY B 16 -48.02 -0.85 -5.84
CA GLY B 16 -48.02 0.59 -5.91
C GLY B 16 -47.34 1.30 -4.75
N LYS B 17 -46.42 0.64 -4.05
CA LYS B 17 -45.76 1.28 -2.91
C LYS B 17 -44.85 2.42 -3.36
N SER B 18 -44.34 2.35 -4.60
CA SER B 18 -43.50 3.43 -5.11
C SER B 18 -44.34 4.59 -5.61
N ALA B 19 -45.36 4.31 -6.42
CA ALA B 19 -46.25 5.36 -6.90
C ALA B 19 -46.94 6.09 -5.76
N LEU B 20 -47.09 5.45 -4.60
CA LEU B 20 -47.67 6.13 -3.44
C LEU B 20 -46.74 7.22 -2.94
N THR B 21 -45.46 6.90 -2.73
CA THR B 21 -44.51 7.87 -2.19
C THR B 21 -44.24 8.99 -3.20
N ILE B 22 -44.00 8.61 -4.46
CA ILE B 22 -43.74 9.62 -5.48
C ILE B 22 -44.92 10.56 -5.63
N GLN B 23 -46.14 10.06 -5.42
CA GLN B 23 -47.32 10.93 -5.44
C GLN B 23 -47.30 11.93 -4.30
N LEU B 24 -46.71 11.56 -3.16
CA LEU B 24 -46.69 12.44 -2.00
C LEU B 24 -45.77 13.63 -2.23
N ILE B 25 -44.56 13.38 -2.72
CA ILE B 25 -43.52 14.40 -2.69
C ILE B 25 -43.67 15.38 -3.84
N GLN B 26 -43.60 14.89 -5.08
CA GLN B 26 -43.47 15.75 -6.25
C GLN B 26 -44.78 15.92 -7.02
N ASN B 27 -45.92 15.64 -6.39
CA ASN B 27 -47.24 15.83 -6.99
C ASN B 27 -47.32 15.21 -8.38
N HIS B 28 -47.08 13.90 -8.43
CA HIS B 28 -46.84 13.23 -9.70
C HIS B 28 -47.37 11.81 -9.62
N PHE B 29 -47.59 11.22 -10.80
CA PHE B 29 -48.03 9.84 -10.90
C PHE B 29 -47.30 9.15 -12.04
N VAL B 30 -46.88 7.91 -11.81
CA VAL B 30 -46.14 7.12 -12.79
C VAL B 30 -47.04 6.01 -13.31
N ASP B 31 -46.90 5.70 -14.60
CA ASP B 31 -47.56 4.56 -15.20
C ASP B 31 -46.60 3.44 -15.55
N GLU B 32 -45.30 3.67 -15.44
CA GLU B 32 -44.30 2.66 -15.77
C GLU B 32 -43.96 1.86 -14.52
N TYR B 33 -44.09 0.53 -14.61
CA TYR B 33 -43.71 -0.35 -13.52
C TYR B 33 -42.19 -0.44 -13.43
N ASP B 34 -41.58 0.48 -12.67
CA ASP B 34 -40.15 0.48 -12.44
C ASP B 34 -39.86 -0.25 -11.13
N PRO B 35 -39.35 -1.48 -11.16
CA PRO B 35 -39.14 -2.23 -9.92
C PRO B 35 -38.10 -1.55 -9.04
N THR B 36 -38.36 -1.60 -7.73
CA THR B 36 -37.51 -0.98 -6.72
C THR B 36 -36.86 -2.06 -5.86
N ILE B 37 -35.66 -1.75 -5.38
CA ILE B 37 -34.92 -2.62 -4.47
C ILE B 37 -34.95 -1.98 -3.10
N GLU B 38 -34.40 -0.76 -3.02
CA GLU B 38 -34.48 0.03 -1.76
C GLU B 38 -34.13 1.48 -2.07
N ASP B 39 -35.12 2.36 -2.14
CA ASP B 39 -34.89 3.78 -2.31
C ASP B 39 -35.35 4.55 -1.07
N SER B 40 -34.91 5.81 -0.97
CA SER B 40 -35.24 6.67 0.16
C SER B 40 -35.68 8.03 -0.32
N TYR B 41 -36.70 8.58 0.34
CA TYR B 41 -37.23 9.90 0.04
C TYR B 41 -37.44 10.67 1.34
N ARG B 42 -37.39 12.00 1.25
CA ARG B 42 -37.62 12.84 2.42
C ARG B 42 -38.24 14.16 1.99
N LYS B 43 -39.13 14.68 2.81
CA LYS B 43 -39.79 15.95 2.56
C LYS B 43 -40.44 16.44 3.86
N GLN B 44 -40.47 17.76 4.05
CA GLN B 44 -41.01 18.33 5.32
C GLN B 44 -42.53 18.41 5.25
N VAL B 45 -43.22 18.02 6.32
CA VAL B 45 -44.70 18.01 6.33
C VAL B 45 -45.24 18.67 7.61
N VAL B 46 -46.35 19.40 7.51
CA VAL B 46 -47.02 19.98 8.72
C VAL B 46 -48.17 19.06 9.13
N ILE B 47 -48.12 18.49 10.33
CA ILE B 47 -49.17 17.60 10.79
C ILE B 47 -49.56 17.99 12.21
N ASP B 48 -50.80 18.45 12.38
CA ASP B 48 -51.32 18.86 13.69
C ASP B 48 -50.42 19.92 14.33
N GLY B 49 -49.97 20.88 13.51
CA GLY B 49 -49.04 21.89 13.95
C GLY B 49 -47.63 21.41 14.18
N GLU B 50 -47.38 20.11 14.14
CA GLU B 50 -46.05 19.55 14.35
C GLU B 50 -45.36 19.47 13.00
N THR B 51 -44.68 20.56 12.62
CA THR B 51 -43.87 20.57 11.41
C THR B 51 -42.73 19.58 11.57
N CYS B 52 -42.83 18.50 10.80
CA CYS B 52 -41.89 17.36 10.97
C CYS B 52 -41.30 16.88 9.65
N LEU B 53 -40.13 16.23 9.71
CA LEU B 53 -39.49 15.62 8.56
C LEU B 53 -39.85 14.14 8.50
N LEU B 54 -40.13 13.66 7.29
CA LEU B 54 -40.50 12.28 7.06
C LEU B 54 -39.42 11.61 6.22
N ASP B 55 -38.79 10.57 6.78
CA ASP B 55 -37.77 9.79 6.07
C ASP B 55 -38.42 8.49 5.64
N ILE B 56 -38.82 8.43 4.37
CA ILE B 56 -39.52 7.27 3.82
C ILE B 56 -38.49 6.32 3.20
N LEU B 57 -38.75 5.03 3.32
CA LEU B 57 -37.85 4.00 2.78
C LEU B 57 -38.67 3.04 1.92
N ASP B 58 -38.65 3.28 0.62
CA ASP B 58 -39.36 2.41 -0.33
C ASP B 58 -38.59 1.11 -0.49
N THR B 59 -39.27 -0.01 -0.25
CA THR B 59 -38.63 -1.33 -0.22
C THR B 59 -38.90 -2.07 -1.53
N ALA B 60 -38.46 -3.33 -1.58
CA ALA B 60 -38.60 -4.18 -2.76
C ALA B 60 -39.77 -5.13 -2.57
N GLY B 61 -40.73 -5.09 -3.50
CA GLY B 61 -41.82 -6.03 -3.47
C GLY B 61 -41.48 -7.41 -3.97
N GLN B 62 -40.45 -7.52 -4.81
CA GLN B 62 -40.02 -8.81 -5.31
C GLN B 62 -39.38 -9.63 -4.20
N GLU B 63 -39.64 -10.94 -4.21
CA GLU B 63 -39.06 -11.83 -3.22
C GLU B 63 -37.57 -12.07 -3.44
N GLU B 64 -37.01 -11.57 -4.55
CA GLU B 64 -35.60 -11.80 -4.84
C GLU B 64 -34.69 -11.14 -3.80
N TYR B 65 -35.13 -10.02 -3.22
CA TYR B 65 -34.32 -9.31 -2.24
C TYR B 65 -34.91 -9.44 -0.84
N SER B 66 -35.26 -10.67 -0.44
CA SER B 66 -35.88 -10.88 0.86
C SER B 66 -34.89 -10.72 2.02
N ALA B 67 -33.59 -10.89 1.76
CA ALA B 67 -32.61 -10.78 2.83
C ALA B 67 -32.44 -9.35 3.32
N MET B 68 -32.76 -8.36 2.49
CA MET B 68 -32.60 -6.96 2.86
C MET B 68 -33.69 -6.46 3.81
N ARG B 69 -34.68 -7.30 4.13
CA ARG B 69 -35.80 -6.82 4.95
C ARG B 69 -35.41 -6.68 6.41
N ASP B 70 -34.43 -7.45 6.88
CA ASP B 70 -34.09 -7.44 8.29
C ASP B 70 -33.53 -6.09 8.72
N GLN B 71 -32.73 -5.45 7.86
CA GLN B 71 -32.07 -4.21 8.27
C GLN B 71 -33.04 -3.04 8.34
N TYR B 72 -33.84 -2.84 7.28
CA TYR B 72 -34.75 -1.70 7.30
C TYR B 72 -35.89 -1.88 8.29
N MET B 73 -36.11 -3.10 8.78
CA MET B 73 -37.08 -3.33 9.83
C MET B 73 -36.52 -3.10 11.23
N ARG B 74 -35.20 -3.12 11.38
CA ARG B 74 -34.59 -2.76 12.66
C ARG B 74 -34.55 -1.25 12.85
N THR B 75 -34.46 -0.48 11.76
CA THR B 75 -34.30 0.96 11.83
C THR B 75 -35.61 1.72 11.71
N GLY B 76 -36.63 1.14 11.08
CA GLY B 76 -37.86 1.87 10.85
C GLY B 76 -38.66 2.06 12.13
N GLU B 77 -39.13 3.28 12.35
CA GLU B 77 -39.99 3.55 13.50
C GLU B 77 -41.40 3.03 13.25
N GLY B 78 -41.95 3.30 12.06
CA GLY B 78 -43.24 2.78 11.69
C GLY B 78 -43.18 2.14 10.31
N PHE B 79 -44.21 1.35 10.01
CA PHE B 79 -44.27 0.62 8.76
C PHE B 79 -45.61 0.84 8.07
N LEU B 80 -45.58 0.97 6.75
CA LEU B 80 -46.75 1.26 5.94
C LEU B 80 -47.03 0.03 5.08
N CYS B 81 -47.73 -0.94 5.65
CA CYS B 81 -48.05 -2.17 4.94
C CYS B 81 -49.09 -1.89 3.85
N VAL B 82 -48.75 -2.20 2.61
CA VAL B 82 -49.61 -1.94 1.46
C VAL B 82 -49.93 -3.26 0.78
N PHE B 83 -51.21 -3.48 0.49
CA PHE B 83 -51.65 -4.63 -0.28
C PHE B 83 -52.34 -4.16 -1.55
N ALA B 84 -52.44 -5.06 -2.52
CA ALA B 84 -53.13 -4.80 -3.77
C ALA B 84 -54.55 -5.34 -3.68
N ILE B 85 -55.53 -4.51 -4.06
CA ILE B 85 -56.93 -4.88 -3.93
C ILE B 85 -57.35 -5.73 -5.13
N ASN B 86 -56.38 -6.09 -5.97
CA ASN B 86 -56.62 -7.02 -7.07
C ASN B 86 -56.07 -8.41 -6.79
N ASN B 87 -54.98 -8.51 -6.04
CA ASN B 87 -54.29 -9.78 -5.80
C ASN B 87 -54.67 -10.31 -4.42
N THR B 88 -55.18 -11.54 -4.38
CA THR B 88 -55.44 -12.19 -3.10
C THR B 88 -54.15 -12.61 -2.42
N LYS B 89 -53.07 -12.82 -3.18
CA LYS B 89 -51.78 -13.14 -2.58
C LYS B 89 -51.22 -11.99 -1.75
N SER B 90 -51.66 -10.76 -2.01
CA SER B 90 -51.20 -9.62 -1.22
C SER B 90 -51.61 -9.77 0.24
N PHE B 91 -52.84 -10.20 0.48
CA PHE B 91 -53.32 -10.37 1.85
C PHE B 91 -52.75 -11.61 2.51
N GLU B 92 -52.10 -12.48 1.74
CA GLU B 92 -51.60 -13.73 2.36
C GLU B 92 -50.21 -13.46 2.92
N ASP B 93 -49.31 -12.95 2.07
CA ASP B 93 -47.95 -12.68 2.52
C ASP B 93 -47.84 -11.41 3.36
N ILE B 94 -48.90 -10.60 3.44
CA ILE B 94 -48.87 -9.47 4.37
C ILE B 94 -48.89 -9.94 5.81
N HIS B 95 -49.33 -11.18 6.05
CA HIS B 95 -49.19 -11.78 7.36
C HIS B 95 -47.72 -12.00 7.71
N HIS B 96 -46.94 -12.51 6.76
CA HIS B 96 -45.52 -12.74 7.01
C HIS B 96 -44.78 -11.43 7.22
N TYR B 97 -45.18 -10.37 6.51
CA TYR B 97 -44.53 -9.08 6.67
C TYR B 97 -44.72 -8.54 8.09
N ARG B 98 -45.97 -8.52 8.56
CA ARG B 98 -46.25 -8.01 9.91
C ARG B 98 -45.65 -8.92 10.97
N GLU B 99 -45.71 -10.24 10.76
CA GLU B 99 -45.16 -11.16 11.75
C GLU B 99 -43.64 -11.11 11.80
N GLN B 100 -42.99 -10.79 10.67
CA GLN B 100 -41.54 -10.62 10.69
C GLN B 100 -41.15 -9.32 11.35
N ILE B 101 -41.98 -8.29 11.21
CA ILE B 101 -41.71 -7.01 11.89
C ILE B 101 -41.71 -7.21 13.40
N LYS B 102 -42.71 -7.95 13.91
CA LYS B 102 -42.75 -8.28 15.33
C LYS B 102 -41.74 -9.34 15.72
N ARG B 103 -40.97 -9.87 14.77
CA ARG B 103 -39.93 -10.84 15.07
C ARG B 103 -38.57 -10.19 15.24
N VAL B 104 -38.22 -9.22 14.40
CA VAL B 104 -36.99 -8.47 14.61
C VAL B 104 -37.16 -7.49 15.75
N LYS B 105 -38.39 -7.04 16.02
CA LYS B 105 -38.74 -6.25 17.20
C LYS B 105 -39.74 -7.08 17.99
N ASP B 106 -39.24 -7.79 19.02
CA ASP B 106 -40.06 -8.76 19.73
C ASP B 106 -41.33 -8.16 20.34
N SER B 107 -41.45 -6.84 20.27
CA SER B 107 -42.68 -6.18 20.75
C SER B 107 -43.86 -6.56 19.85
N GLU B 108 -44.97 -7.02 20.44
CA GLU B 108 -46.14 -7.35 19.65
C GLU B 108 -46.86 -6.11 19.14
N ASP B 109 -46.61 -4.94 19.74
CA ASP B 109 -47.23 -3.69 19.33
C ASP B 109 -46.15 -2.79 18.75
N VAL B 110 -46.24 -2.62 17.42
CA VAL B 110 -45.26 -1.79 16.64
C VAL B 110 -46.09 -0.86 15.72
N PRO B 111 -45.83 0.45 15.58
CA PRO B 111 -46.65 1.29 14.68
C PRO B 111 -46.67 0.75 13.26
N MET B 112 -47.88 0.60 12.72
CA MET B 112 -48.07 -0.07 11.44
C MET B 112 -49.49 0.11 10.91
N VAL B 113 -49.72 1.14 10.10
CA VAL B 113 -51.03 1.34 9.51
C VAL B 113 -51.10 0.57 8.19
N LEU B 114 -52.26 -0.06 7.96
CA LEU B 114 -52.48 -0.92 6.77
C LEU B 114 -53.05 -0.08 5.65
N VAL B 115 -52.51 -0.25 4.45
CA VAL B 115 -52.94 0.54 3.29
C VAL B 115 -53.29 -0.40 2.15
N GLY B 116 -54.31 0.00 1.37
CA GLY B 116 -54.68 -0.71 0.16
C GLY B 116 -54.84 0.25 -1.00
N ASN B 117 -53.95 0.16 -1.99
CA ASN B 117 -53.85 1.16 -3.03
C ASN B 117 -54.76 0.82 -4.22
N LYS B 118 -54.78 1.74 -5.20
CA LYS B 118 -55.54 1.60 -6.45
C LYS B 118 -57.04 1.53 -6.19
N CYS B 119 -57.53 2.39 -5.29
CA CYS B 119 -58.97 2.48 -5.05
C CYS B 119 -59.69 3.21 -6.18
N ASP B 120 -58.95 3.95 -7.00
CA ASP B 120 -59.56 4.62 -8.16
C ASP B 120 -60.07 3.62 -9.18
N LEU B 121 -59.50 2.41 -9.20
CA LEU B 121 -59.90 1.40 -10.16
C LEU B 121 -61.38 1.05 -9.95
N PRO B 122 -62.20 1.07 -11.00
CA PRO B 122 -63.60 0.64 -10.84
C PRO B 122 -63.73 -0.86 -10.65
N SER B 123 -62.73 -1.64 -11.02
CA SER B 123 -62.74 -3.09 -10.84
C SER B 123 -61.86 -3.43 -9.64
N ARG B 124 -62.48 -3.85 -8.56
CA ARG B 124 -61.77 -4.24 -7.35
C ARG B 124 -62.20 -5.64 -6.93
N THR B 125 -61.23 -6.45 -6.51
CA THR B 125 -61.46 -7.84 -6.16
C THR B 125 -61.21 -8.11 -4.67
N VAL B 126 -61.19 -7.06 -3.85
CA VAL B 126 -60.97 -7.19 -2.41
C VAL B 126 -62.04 -6.40 -1.69
N ASP B 127 -62.70 -7.03 -0.72
CA ASP B 127 -63.76 -6.37 0.03
C ASP B 127 -63.17 -5.42 1.07
N THR B 128 -63.83 -4.28 1.26
CA THR B 128 -63.35 -3.29 2.22
C THR B 128 -63.47 -3.82 3.65
N LYS B 129 -64.51 -4.60 3.93
CA LYS B 129 -64.71 -5.12 5.28
C LYS B 129 -63.64 -6.14 5.64
N GLN B 130 -63.14 -6.90 4.66
CA GLN B 130 -62.11 -7.90 4.94
C GLN B 130 -60.80 -7.23 5.35
N ALA B 131 -60.51 -6.04 4.82
CA ALA B 131 -59.34 -5.31 5.25
C ALA B 131 -59.55 -4.69 6.63
N GLN B 132 -60.74 -4.17 6.89
CA GLN B 132 -61.05 -3.62 8.20
C GLN B 132 -61.14 -4.72 9.26
N ASP B 133 -61.44 -5.96 8.85
CA ASP B 133 -61.44 -7.06 9.79
C ASP B 133 -60.02 -7.37 10.26
N LEU B 134 -59.07 -7.46 9.33
CA LEU B 134 -57.69 -7.73 9.70
C LEU B 134 -57.03 -6.53 10.35
N ALA B 135 -57.48 -5.31 10.01
CA ALA B 135 -56.94 -4.12 10.66
C ALA B 135 -57.29 -4.09 12.14
N ARG B 136 -58.52 -4.48 12.49
CA ARG B 136 -58.88 -4.58 13.89
C ARG B 136 -58.22 -5.76 14.58
N SER B 137 -57.94 -6.83 13.83
CA SER B 137 -57.23 -7.97 14.40
C SER B 137 -55.82 -7.60 14.83
N TYR B 138 -55.12 -6.84 13.98
CA TYR B 138 -53.79 -6.34 14.32
C TYR B 138 -53.82 -5.12 15.22
N GLY B 139 -55.00 -4.60 15.55
CA GLY B 139 -55.09 -3.38 16.33
C GLY B 139 -54.52 -2.17 15.64
N ILE B 140 -54.76 -2.05 14.33
CA ILE B 140 -54.13 -1.02 13.51
C ILE B 140 -55.20 -0.35 12.66
N PRO B 141 -54.97 0.89 12.23
CA PRO B 141 -55.92 1.56 11.34
C PRO B 141 -55.87 1.01 9.92
N PHE B 142 -56.65 1.60 9.03
CA PHE B 142 -56.66 1.19 7.62
C PHE B 142 -57.13 2.36 6.77
N ILE B 143 -56.44 2.57 5.64
CA ILE B 143 -56.74 3.66 4.71
C ILE B 143 -56.78 3.08 3.30
N GLU B 144 -57.89 3.28 2.61
CA GLU B 144 -57.98 2.96 1.19
C GLU B 144 -57.50 4.15 0.37
N THR B 145 -56.57 3.91 -0.53
CA THR B 145 -55.90 4.99 -1.25
C THR B 145 -55.84 4.69 -2.74
N SER B 146 -55.57 5.77 -3.49
CA SER B 146 -55.37 5.67 -4.96
C SER B 146 -54.17 6.56 -5.27
N ALA B 147 -53.20 6.07 -6.03
CA ALA B 147 -51.96 6.81 -6.24
C ALA B 147 -52.02 7.80 -7.39
N LYS B 148 -52.98 7.66 -8.31
CA LYS B 148 -53.10 8.56 -9.44
C LYS B 148 -54.03 9.74 -9.17
N THR B 149 -54.95 9.60 -8.22
CA THR B 149 -55.89 10.65 -7.90
C THR B 149 -55.60 11.33 -6.56
N ARG B 150 -54.43 11.07 -5.96
CA ARG B 150 -54.07 11.62 -4.65
C ARG B 150 -55.10 11.27 -3.59
N GLN B 151 -55.77 10.13 -3.75
CA GLN B 151 -56.87 9.76 -2.86
C GLN B 151 -56.35 9.36 -1.48
N GLY B 152 -56.32 10.34 -0.56
CA GLY B 152 -55.91 10.05 0.80
C GLY B 152 -54.50 9.54 0.96
N VAL B 153 -53.62 9.80 -0.02
CA VAL B 153 -52.23 9.39 0.12
C VAL B 153 -51.58 10.12 1.27
N ASP B 154 -52.05 11.34 1.56
CA ASP B 154 -51.61 12.04 2.77
C ASP B 154 -52.16 11.35 4.01
N ASP B 155 -53.46 11.03 3.99
CA ASP B 155 -54.09 10.39 5.15
C ASP B 155 -53.47 9.03 5.44
N ALA B 156 -52.99 8.32 4.41
CA ALA B 156 -52.35 7.03 4.63
C ALA B 156 -51.03 7.21 5.38
N PHE B 157 -50.24 8.21 5.01
CA PHE B 157 -48.98 8.47 5.70
C PHE B 157 -49.19 9.24 7.01
N TYR B 158 -50.08 10.24 6.99
CA TYR B 158 -50.27 11.07 8.18
C TYR B 158 -50.81 10.27 9.34
N THR B 159 -51.60 9.23 9.08
CA THR B 159 -52.08 8.36 10.15
C THR B 159 -50.91 7.64 10.81
N LEU B 160 -49.94 7.19 10.02
CA LEU B 160 -48.78 6.51 10.59
C LEU B 160 -47.88 7.48 11.34
N VAL B 161 -47.87 8.76 10.94
CA VAL B 161 -47.05 9.75 11.65
C VAL B 161 -47.58 9.96 13.06
N ARG B 162 -48.91 10.12 13.19
CA ARG B 162 -49.51 10.24 14.51
C ARG B 162 -49.69 8.90 15.20
N GLU B 163 -49.60 7.79 14.46
CA GLU B 163 -49.56 6.48 15.08
C GLU B 163 -48.24 6.27 15.82
N ILE B 164 -47.14 6.72 15.22
CA ILE B 164 -45.84 6.64 15.88
C ILE B 164 -45.81 7.57 17.08
N ARG B 165 -46.50 8.71 17.00
CA ARG B 165 -46.57 9.61 18.15
C ARG B 165 -47.33 8.97 19.32
N LYS B 166 -48.24 8.03 19.02
CA LYS B 166 -48.94 7.33 20.09
C LYS B 166 -47.96 6.48 20.92
N HIS B 167 -47.05 5.77 20.24
CA HIS B 167 -46.02 5.03 20.97
C HIS B 167 -45.04 5.98 21.66
N LYS B 168 -44.80 7.15 21.08
CA LYS B 168 -43.91 8.14 21.67
C LYS B 168 -44.69 9.13 22.52
#